data_3HB0
#
_entry.id   3HB0
#
_cell.length_a   184.002
_cell.length_b   184.002
_cell.length_c   119.954
_cell.angle_alpha   90.00
_cell.angle_beta   90.00
_cell.angle_gamma   90.00
#
_symmetry.space_group_name_H-M   'I 4'
#
loop_
_entity.id
_entity.type
_entity.pdbx_description
1 polymer 'Eyes absent homolog 2 (Drosophila)'
2 non-polymer 'BERYLLIUM TRIFLUORIDE ION'
3 non-polymer 'MAGNESIUM ION'
4 water water
#
_entity_poly.entity_id   1
_entity_poly.type   'polypeptide(L)'
_entity_poly.pdbx_seq_one_letter_code
;SHMERVFVWDLDETIIIFHSLLTGTFASRYGKDTTTSVRIGLMMEEMIFNLADTHLFFNDLEDCDQIHVDDVSSDDNGQD
LSTYNFSADGFHSSAPAANLCLGSGVHGGVDWMRKLAFRYRRVKEMYNTYKNNVGGLIGTPKRETWLQLRAELEALTDLW
LTHSLKALNLINSRPNCVNVLVTTTQLIPALAKVLLYGLGSVFPIENIYSATKTGKESCFERIMQRFGRKAVYVVIGDGV
EEEQGAKKHNMPFWRISCHADLEALRHALELEYL
;
_entity_poly.pdbx_strand_id   A,B,C,D
#
# COMPACT_ATOMS: atom_id res chain seq x y z
N SER A 1 14.59 -11.58 26.57
CA SER A 1 13.24 -12.03 26.10
C SER A 1 12.43 -10.83 25.59
N HIS A 2 13.13 -9.74 25.28
CA HIS A 2 12.50 -8.53 24.76
C HIS A 2 12.50 -8.50 23.24
N MET A 3 11.41 -8.01 22.65
CA MET A 3 11.35 -7.90 21.20
C MET A 3 12.19 -6.68 20.87
N GLU A 4 12.94 -6.73 19.77
CA GLU A 4 13.78 -5.61 19.41
C GLU A 4 13.49 -5.15 17.99
N ARG A 5 13.51 -3.83 17.77
CA ARG A 5 13.25 -3.27 16.43
C ARG A 5 14.44 -2.51 15.89
N VAL A 6 14.64 -2.64 14.59
CA VAL A 6 15.72 -1.94 13.92
C VAL A 6 15.09 -1.06 12.84
N PHE A 7 15.19 0.25 13.03
CA PHE A 7 14.63 1.20 12.08
C PHE A 7 15.71 1.55 11.06
N VAL A 8 15.44 1.21 9.80
CA VAL A 8 16.38 1.46 8.71
C VAL A 8 15.96 2.70 7.91
N TRP A 9 16.45 3.86 8.32
CA TRP A 9 16.09 5.12 7.69
C TRP A 9 16.79 5.49 6.39
N ASP A 10 16.09 6.31 5.60
CA ASP A 10 16.67 6.86 4.40
C ASP A 10 17.00 8.26 4.94
N LEU A 11 17.82 9.03 4.24
CA LEU A 11 18.20 10.35 4.73
C LEU A 11 17.52 11.47 3.95
N ASP A 12 17.87 11.57 2.68
CA ASP A 12 17.34 12.59 1.79
C ASP A 12 15.85 12.47 1.49
N GLU A 13 15.12 13.55 1.76
CA GLU A 13 13.68 13.61 1.55
C GLU A 13 12.90 12.64 2.43
N THR A 14 13.55 12.17 3.50
CA THR A 14 12.92 11.29 4.48
C THR A 14 13.13 11.97 5.85
N ILE A 15 14.39 12.05 6.28
CA ILE A 15 14.71 12.70 7.54
C ILE A 15 14.99 14.17 7.31
N ILE A 16 15.62 14.50 6.20
CA ILE A 16 15.92 15.88 5.88
C ILE A 16 15.41 16.31 4.51
N ILE A 17 15.31 17.61 4.32
CA ILE A 17 14.88 18.20 3.06
C ILE A 17 16.13 18.96 2.61
N PHE A 18 16.69 18.57 1.47
CA PHE A 18 17.87 19.22 0.95
C PHE A 18 17.90 19.19 -0.58
N HIS A 19 17.93 18.00 -1.13
CA HIS A 19 17.94 17.84 -2.59
C HIS A 19 16.69 18.40 -3.23
N SER A 20 15.54 18.25 -2.57
CA SER A 20 14.28 18.74 -3.14
C SER A 20 14.20 20.26 -3.11
N LEU A 21 15.19 20.90 -2.49
CA LEU A 21 15.25 22.36 -2.45
C LEU A 21 15.86 22.87 -3.76
N LEU A 22 16.80 22.11 -4.31
CA LEU A 22 17.48 22.50 -5.53
C LEU A 22 16.62 22.29 -6.77
N THR A 23 15.78 21.27 -6.73
CA THR A 23 14.90 20.95 -7.86
C THR A 23 13.60 21.73 -7.87
N GLY A 24 13.30 22.39 -6.76
CA GLY A 24 12.07 23.16 -6.68
C GLY A 24 10.82 22.35 -6.44
N THR A 25 10.95 21.04 -6.24
CA THR A 25 9.76 20.25 -6.01
C THR A 25 9.15 20.51 -4.63
N PHE A 26 9.97 20.78 -3.63
CA PHE A 26 9.43 21.04 -2.31
C PHE A 26 8.68 22.37 -2.31
N ALA A 27 9.33 23.41 -2.81
CA ALA A 27 8.73 24.74 -2.86
C ALA A 27 7.42 24.67 -3.65
N SER A 28 7.45 23.88 -4.71
CA SER A 28 6.30 23.72 -5.56
C SER A 28 5.18 22.95 -4.88
N ARG A 29 5.52 21.91 -4.14
CA ARG A 29 4.50 21.11 -3.48
C ARG A 29 3.83 21.88 -2.34
N TYR A 30 4.62 22.60 -1.54
CA TYR A 30 4.05 23.31 -0.40
C TYR A 30 3.94 24.82 -0.54
N GLY A 31 3.99 25.30 -1.78
CA GLY A 31 3.85 26.73 -2.02
C GLY A 31 4.86 27.66 -1.40
N LYS A 32 6.15 27.35 -1.55
CA LYS A 32 7.17 28.23 -1.02
C LYS A 32 7.84 28.93 -2.20
N ASP A 33 8.60 29.98 -1.92
CA ASP A 33 9.28 30.70 -2.99
C ASP A 33 10.36 29.82 -3.60
N THR A 34 10.34 29.64 -4.92
CA THR A 34 11.32 28.80 -5.57
C THR A 34 12.73 29.39 -5.54
N THR A 35 12.83 30.71 -5.65
CA THR A 35 14.13 31.36 -5.64
C THR A 35 14.81 31.27 -4.25
N THR A 36 14.00 31.27 -3.19
CA THR A 36 14.53 31.16 -1.84
C THR A 36 14.93 29.70 -1.64
N SER A 37 14.11 28.80 -2.18
CA SER A 37 14.37 27.37 -2.09
C SER A 37 15.77 27.03 -2.62
N VAL A 38 16.07 27.52 -3.82
CA VAL A 38 17.35 27.27 -4.48
C VAL A 38 18.53 27.94 -3.77
N ARG A 39 18.31 29.15 -3.28
CA ARG A 39 19.37 29.87 -2.59
C ARG A 39 19.78 29.06 -1.37
N ILE A 40 18.80 28.71 -0.54
CA ILE A 40 19.04 27.93 0.66
C ILE A 40 19.67 26.58 0.31
N GLY A 41 19.15 25.93 -0.71
CA GLY A 41 19.68 24.63 -1.09
C GLY A 41 21.16 24.69 -1.45
N LEU A 42 21.56 25.71 -2.21
CA LEU A 42 22.94 25.87 -2.62
C LEU A 42 23.86 26.24 -1.46
N MET A 43 23.37 27.03 -0.51
CA MET A 43 24.17 27.42 0.64
C MET A 43 24.49 26.20 1.47
N MET A 44 23.48 25.36 1.71
CA MET A 44 23.68 24.16 2.50
C MET A 44 24.62 23.23 1.75
N GLU A 45 24.44 23.15 0.43
CA GLU A 45 25.31 22.31 -0.37
C GLU A 45 26.77 22.77 -0.18
N GLU A 46 26.99 24.07 -0.20
CA GLU A 46 28.33 24.60 -0.01
C GLU A 46 28.88 24.16 1.35
N MET A 47 28.07 24.32 2.40
CA MET A 47 28.53 23.94 3.73
C MET A 47 28.79 22.45 3.90
N ILE A 48 28.01 21.61 3.24
CA ILE A 48 28.20 20.18 3.35
C ILE A 48 29.55 19.78 2.76
N PHE A 49 29.81 20.17 1.53
CA PHE A 49 31.06 19.81 0.90
C PHE A 49 32.29 20.54 1.43
N ASN A 50 32.07 21.69 2.01
CA ASN A 50 33.19 22.43 2.57
C ASN A 50 33.63 21.73 3.87
N LEU A 51 32.67 21.25 4.65
CA LEU A 51 32.96 20.52 5.87
C LEU A 51 33.61 19.21 5.46
N ALA A 52 33.11 18.61 4.38
CA ALA A 52 33.66 17.35 3.90
C ALA A 52 35.14 17.49 3.49
N ASP A 53 35.42 18.47 2.64
CA ASP A 53 36.80 18.69 2.19
C ASP A 53 37.73 19.14 3.31
N THR A 54 37.29 20.11 4.10
CA THR A 54 38.10 20.67 5.16
C THR A 54 38.33 19.83 6.42
N HIS A 55 37.40 18.96 6.79
CA HIS A 55 37.58 18.19 8.02
C HIS A 55 37.43 16.69 7.91
N LEU A 56 36.79 16.21 6.86
CA LEU A 56 36.59 14.77 6.73
C LEU A 56 37.36 14.12 5.57
N PHE A 57 38.48 14.74 5.20
CA PHE A 57 39.36 14.22 4.14
C PHE A 57 38.63 13.80 2.88
N PHE A 58 37.65 14.57 2.44
CA PHE A 58 36.89 14.18 1.26
C PHE A 58 37.71 14.09 -0.02
N ASN A 59 38.64 15.02 -0.25
CA ASN A 59 39.41 14.92 -1.48
C ASN A 59 40.28 13.66 -1.47
N ASP A 60 40.61 13.17 -0.27
CA ASP A 60 41.43 11.96 -0.15
C ASP A 60 40.60 10.67 -0.21
N LEU A 61 39.45 10.67 0.45
CA LEU A 61 38.61 9.47 0.53
C LEU A 61 37.51 9.28 -0.51
N GLU A 62 37.12 10.35 -1.22
CA GLU A 62 36.05 10.20 -2.21
C GLU A 62 36.21 9.02 -3.15
N ASP A 63 37.32 8.98 -3.88
CA ASP A 63 37.53 7.90 -4.85
C ASP A 63 37.59 6.49 -4.28
N CYS A 64 37.33 6.35 -2.98
CA CYS A 64 37.33 5.02 -2.38
C CYS A 64 35.95 4.38 -2.35
N ASP A 65 34.90 5.19 -2.36
CA ASP A 65 33.52 4.68 -2.36
C ASP A 65 33.22 3.73 -1.20
N GLN A 66 33.81 3.98 -0.04
CA GLN A 66 33.59 3.11 1.09
C GLN A 66 32.14 3.12 1.58
N ILE A 67 31.69 1.99 2.08
CA ILE A 67 30.34 1.82 2.56
C ILE A 67 30.08 2.20 4.02
N HIS A 68 31.00 1.80 4.88
CA HIS A 68 30.87 2.01 6.31
C HIS A 68 32.22 2.51 6.85
N VAL A 69 32.21 3.40 7.83
CA VAL A 69 33.46 3.92 8.38
C VAL A 69 34.50 2.89 8.80
N ASP A 70 34.05 1.75 9.32
CA ASP A 70 34.97 0.71 9.79
C ASP A 70 35.37 -0.36 8.77
N ASP A 71 34.99 -0.20 7.51
CA ASP A 71 35.31 -1.21 6.51
C ASP A 71 36.79 -1.56 6.31
N VAL A 72 37.70 -0.65 6.66
CA VAL A 72 39.12 -0.94 6.51
C VAL A 72 39.81 -0.87 7.85
N SER A 73 39.07 -1.13 8.91
CA SER A 73 39.62 -1.08 10.26
C SER A 73 40.69 -2.14 10.52
N SER A 74 40.78 -3.14 9.65
CA SER A 74 41.79 -4.20 9.81
C SER A 74 43.21 -3.64 9.78
N ASP A 75 43.40 -2.59 8.98
CA ASP A 75 44.69 -1.97 8.79
C ASP A 75 45.05 -0.83 9.74
N ASP A 76 44.25 -0.61 10.78
CA ASP A 76 44.51 0.45 11.75
C ASP A 76 45.34 -0.13 12.90
N ASN A 77 46.42 0.55 13.28
CA ASN A 77 47.27 0.05 14.36
C ASN A 77 46.81 0.59 15.72
N GLY A 78 45.79 1.45 15.69
CA GLY A 78 45.24 2.02 16.91
C GLY A 78 46.00 3.15 17.57
N GLN A 79 47.03 3.67 16.92
CA GLN A 79 47.82 4.76 17.51
C GLN A 79 47.03 6.06 17.70
N ASP A 80 47.62 6.98 18.45
CA ASP A 80 47.03 8.29 18.71
C ASP A 80 47.21 9.12 17.45
N LEU A 81 46.13 9.74 16.97
CA LEU A 81 46.20 10.55 15.77
C LEU A 81 46.09 12.05 16.07
N SER A 82 46.22 12.39 17.34
CA SER A 82 46.15 13.78 17.79
C SER A 82 47.15 14.72 17.13
N THR A 83 48.38 14.24 16.96
CA THR A 83 49.43 15.07 16.35
C THR A 83 49.93 14.51 15.03
N TYR A 84 49.29 13.43 14.59
CA TYR A 84 49.65 12.79 13.34
C TYR A 84 49.43 13.79 12.22
N ASN A 85 50.41 13.96 11.33
CA ASN A 85 50.25 14.93 10.24
C ASN A 85 49.81 14.28 8.93
N PHE A 86 48.51 14.39 8.66
CA PHE A 86 47.93 13.80 7.45
C PHE A 86 48.40 14.43 6.15
N SER A 87 48.72 15.72 6.17
CA SER A 87 49.16 16.39 4.94
C SER A 87 50.52 15.89 4.50
N ALA A 88 51.48 15.82 5.42
CA ALA A 88 52.81 15.36 5.07
C ALA A 88 53.00 13.88 5.41
N ASP A 89 52.27 13.01 4.73
CA ASP A 89 52.40 11.58 4.97
C ASP A 89 52.31 10.83 3.65
N GLY A 90 52.16 11.58 2.56
CA GLY A 90 52.08 11.02 1.22
C GLY A 90 51.05 9.95 1.00
N PHE A 91 49.78 10.33 0.98
CA PHE A 91 48.70 9.38 0.76
C PHE A 91 48.24 9.38 -0.69
N HIS A 92 47.48 10.41 -1.08
CA HIS A 92 47.01 10.54 -2.46
C HIS A 92 46.02 9.44 -2.89
N GLY A 108 50.38 2.37 -4.30
CA GLY A 108 50.52 1.74 -2.96
C GLY A 108 49.39 0.77 -2.69
N GLY A 109 49.59 -0.13 -1.71
CA GLY A 109 48.57 -1.11 -1.38
C GLY A 109 48.59 -1.76 0.01
N VAL A 110 49.54 -1.40 0.86
CA VAL A 110 49.62 -1.98 2.21
C VAL A 110 49.99 -0.93 3.26
N ASP A 111 51.05 -0.17 2.99
CA ASP A 111 51.47 0.89 3.90
C ASP A 111 50.51 2.04 3.62
N TRP A 112 49.84 1.93 2.47
CA TRP A 112 48.86 2.89 2.00
C TRP A 112 47.52 2.56 2.66
N MET A 113 47.22 1.27 2.77
CA MET A 113 45.98 0.85 3.41
C MET A 113 45.93 1.35 4.85
N ARG A 114 47.09 1.44 5.49
CA ARG A 114 47.12 1.89 6.88
C ARG A 114 46.79 3.38 6.97
N LYS A 115 47.28 4.15 5.99
CA LYS A 115 47.00 5.59 5.97
C LYS A 115 45.54 5.87 5.62
N LEU A 116 44.93 4.95 4.88
CA LEU A 116 43.53 5.06 4.49
C LEU A 116 42.72 4.90 5.79
N ALA A 117 43.01 3.82 6.51
CA ALA A 117 42.33 3.53 7.77
C ALA A 117 42.47 4.67 8.77
N PHE A 118 43.66 5.27 8.85
CA PHE A 118 43.89 6.37 9.77
C PHE A 118 42.90 7.49 9.47
N ARG A 119 42.71 7.77 8.19
CA ARG A 119 41.81 8.83 7.80
C ARG A 119 40.35 8.55 8.19
N TYR A 120 39.85 7.34 7.94
CA TYR A 120 38.48 7.04 8.32
C TYR A 120 38.27 7.07 9.81
N ARG A 121 39.26 6.64 10.59
CA ARG A 121 39.09 6.67 12.03
C ARG A 121 39.14 8.11 12.55
N ARG A 122 39.95 8.95 11.93
CA ARG A 122 40.03 10.35 12.35
C ARG A 122 38.66 10.98 12.04
N VAL A 123 38.01 10.51 10.97
CA VAL A 123 36.70 10.99 10.60
C VAL A 123 35.77 10.60 11.73
N LYS A 124 35.85 9.32 12.12
CA LYS A 124 35.04 8.82 13.22
C LYS A 124 35.27 9.62 14.49
N GLU A 125 36.52 9.97 14.77
CA GLU A 125 36.81 10.75 15.97
C GLU A 125 36.24 12.17 15.88
N MET A 126 36.36 12.79 14.71
CA MET A 126 35.83 14.14 14.50
C MET A 126 34.31 14.13 14.75
N TYR A 127 33.66 13.14 14.17
CA TYR A 127 32.23 12.95 14.26
C TYR A 127 31.80 12.78 15.71
N ASN A 128 32.54 11.99 16.48
CA ASN A 128 32.17 11.78 17.87
C ASN A 128 32.45 12.94 18.81
N THR A 129 33.55 13.67 18.61
CA THR A 129 33.81 14.77 19.53
C THR A 129 32.98 16.02 19.17
N TYR A 130 32.54 16.12 17.92
CA TYR A 130 31.78 17.29 17.50
C TYR A 130 30.30 17.08 17.15
N LYS A 131 29.79 15.86 17.27
CA LYS A 131 28.41 15.62 16.95
C LYS A 131 27.44 16.53 17.71
N ASN A 132 27.83 16.98 18.90
CA ASN A 132 26.96 17.88 19.68
C ASN A 132 27.63 19.24 19.79
N ASN A 133 28.55 19.53 18.87
CA ASN A 133 29.25 20.80 18.88
C ASN A 133 29.76 21.10 17.48
N VAL A 134 28.85 20.99 16.52
CA VAL A 134 29.19 21.24 15.14
C VAL A 134 29.70 22.67 14.95
N GLY A 135 29.26 23.57 15.80
CA GLY A 135 29.72 24.95 15.72
C GLY A 135 31.19 25.01 16.07
N GLY A 136 31.62 24.13 16.96
CA GLY A 136 33.01 24.10 17.34
C GLY A 136 33.89 23.61 16.20
N LEU A 137 33.44 22.56 15.52
CA LEU A 137 34.18 21.98 14.40
C LEU A 137 34.25 22.96 13.22
N ILE A 138 33.10 23.43 12.82
CA ILE A 138 32.98 24.33 11.70
C ILE A 138 33.70 25.66 11.96
N GLY A 139 33.75 26.06 13.22
CA GLY A 139 34.41 27.31 13.59
C GLY A 139 33.66 28.56 13.17
N THR A 140 34.02 29.68 13.78
CA THR A 140 33.42 30.98 13.46
C THR A 140 34.21 31.53 12.26
N PRO A 141 33.57 32.29 11.36
CA PRO A 141 32.18 32.75 11.28
C PRO A 141 31.19 31.76 10.66
N LYS A 142 31.66 30.60 10.21
CA LYS A 142 30.76 29.62 9.60
C LYS A 142 29.62 29.17 10.52
N ARG A 143 29.88 29.08 11.82
CA ARG A 143 28.85 28.66 12.77
C ARG A 143 27.60 29.53 12.71
N GLU A 144 27.82 30.85 12.78
CA GLU A 144 26.70 31.78 12.76
C GLU A 144 25.89 31.68 11.48
N THR A 145 26.60 31.62 10.35
CA THR A 145 25.97 31.50 9.05
C THR A 145 25.18 30.20 8.98
N TRP A 146 25.72 29.18 9.65
CA TRP A 146 25.10 27.87 9.70
C TRP A 146 23.81 27.89 10.51
N LEU A 147 23.82 28.57 11.65
CA LEU A 147 22.63 28.65 12.49
C LEU A 147 21.51 29.44 11.78
N GLN A 148 21.91 30.45 11.01
CA GLN A 148 20.96 31.27 10.26
C GLN A 148 20.36 30.46 9.13
N LEU A 149 21.19 29.64 8.50
CA LEU A 149 20.74 28.83 7.40
C LEU A 149 19.73 27.81 7.90
N ARG A 150 20.06 27.10 8.98
CA ARG A 150 19.17 26.11 9.57
C ARG A 150 17.84 26.76 9.93
N ALA A 151 17.88 28.03 10.30
CA ALA A 151 16.68 28.76 10.69
C ALA A 151 15.80 29.04 9.48
N GLU A 152 16.42 29.44 8.37
CA GLU A 152 15.66 29.71 7.17
C GLU A 152 15.12 28.39 6.64
N LEU A 153 15.95 27.35 6.74
CA LEU A 153 15.57 26.04 6.25
C LEU A 153 14.36 25.47 6.99
N GLU A 154 14.36 25.58 8.32
CA GLU A 154 13.24 25.08 9.10
C GLU A 154 11.93 25.80 8.76
N ALA A 155 12.01 27.09 8.50
CA ALA A 155 10.83 27.87 8.17
C ALA A 155 10.26 27.48 6.81
N LEU A 156 11.11 27.47 5.79
CA LEU A 156 10.66 27.14 4.45
C LEU A 156 10.15 25.71 4.31
N THR A 157 10.62 24.82 5.18
CA THR A 157 10.21 23.42 5.12
C THR A 157 9.11 23.08 6.14
N ASP A 158 8.58 24.10 6.79
CA ASP A 158 7.54 23.92 7.78
C ASP A 158 7.87 22.88 8.86
N LEU A 159 9.07 23.03 9.41
CA LEU A 159 9.57 22.19 10.50
C LEU A 159 9.68 20.69 10.18
N TRP A 160 10.03 20.36 8.95
CA TRP A 160 10.17 18.97 8.56
C TRP A 160 11.12 18.23 9.53
N LEU A 161 12.33 18.74 9.66
CA LEU A 161 13.36 18.18 10.53
C LEU A 161 12.90 18.07 11.98
N THR A 162 12.09 19.02 12.42
CA THR A 162 11.58 18.98 13.79
C THR A 162 10.74 17.70 13.92
N HIS A 163 9.96 17.40 12.88
CA HIS A 163 9.13 16.21 12.88
C HIS A 163 9.90 14.91 12.83
N SER A 164 10.85 14.80 11.90
CA SER A 164 11.63 13.58 11.80
C SER A 164 12.41 13.35 13.09
N LEU A 165 12.96 14.41 13.67
CA LEU A 165 13.73 14.26 14.91
C LEU A 165 12.88 13.68 16.04
N LYS A 166 11.60 14.07 16.09
CA LYS A 166 10.70 13.57 17.13
C LYS A 166 10.60 12.05 17.10
N ALA A 167 10.72 11.46 15.91
CA ALA A 167 10.66 10.01 15.78
C ALA A 167 12.03 9.43 16.09
N LEU A 168 13.06 10.06 15.54
CA LEU A 168 14.43 9.61 15.77
C LEU A 168 14.79 9.59 17.26
N ASN A 169 14.33 10.60 18.00
CA ASN A 169 14.63 10.69 19.42
C ASN A 169 13.81 9.73 20.28
N LEU A 170 12.63 9.38 19.82
CA LEU A 170 11.80 8.44 20.57
C LEU A 170 12.42 7.07 20.36
N ILE A 171 12.91 6.82 19.15
CA ILE A 171 13.55 5.56 18.83
C ILE A 171 14.80 5.41 19.68
N ASN A 172 15.58 6.48 19.75
CA ASN A 172 16.80 6.48 20.52
C ASN A 172 16.57 6.25 22.02
N SER A 173 15.65 7.00 22.60
CA SER A 173 15.40 6.83 24.01
C SER A 173 14.79 5.47 24.35
N ARG A 174 14.08 4.86 23.41
CA ARG A 174 13.51 3.56 23.71
C ARG A 174 14.63 2.51 23.75
N PRO A 175 14.66 1.70 24.84
CA PRO A 175 15.66 0.65 25.09
C PRO A 175 15.77 -0.48 24.08
N ASN A 176 14.66 -0.91 23.51
CA ASN A 176 14.74 -2.01 22.55
C ASN A 176 14.59 -1.62 21.10
N CYS A 177 14.88 -0.35 20.80
CA CYS A 177 14.80 0.17 19.43
C CYS A 177 16.13 0.78 19.05
N VAL A 178 16.48 0.67 17.78
CA VAL A 178 17.74 1.21 17.29
C VAL A 178 17.57 1.99 15.97
N ASN A 179 18.44 2.97 15.76
CA ASN A 179 18.42 3.79 14.54
C ASN A 179 19.54 3.41 13.58
N VAL A 180 19.19 3.07 12.33
CA VAL A 180 20.20 2.78 11.33
C VAL A 180 19.91 3.67 10.13
N LEU A 181 20.95 4.04 9.40
CA LEU A 181 20.81 4.93 8.24
C LEU A 181 21.41 4.38 6.95
N VAL A 182 20.61 4.36 5.88
CA VAL A 182 21.09 3.89 4.59
C VAL A 182 20.78 4.99 3.58
N THR A 183 21.80 5.54 2.95
CA THR A 183 21.59 6.62 1.99
C THR A 183 22.39 6.48 0.73
N THR A 184 21.83 6.95 -0.38
CA THR A 184 22.53 6.88 -1.65
C THR A 184 23.67 7.91 -1.66
N THR A 185 23.66 8.84 -0.71
CA THR A 185 24.72 9.84 -0.61
C THR A 185 26.02 9.10 -0.27
N GLN A 186 27.15 9.57 -0.81
CA GLN A 186 28.43 8.94 -0.52
C GLN A 186 28.69 9.09 0.97
N LEU A 187 29.45 8.17 1.54
CA LEU A 187 29.72 8.16 2.97
C LEU A 187 30.19 9.46 3.60
N ILE A 188 31.28 10.04 3.12
CA ILE A 188 31.74 11.26 3.75
C ILE A 188 30.72 12.40 3.67
N PRO A 189 30.19 12.71 2.48
CA PRO A 189 29.21 13.78 2.44
C PRO A 189 28.03 13.47 3.35
N ALA A 190 27.67 12.19 3.45
CA ALA A 190 26.58 11.80 4.31
C ALA A 190 26.85 12.20 5.76
N LEU A 191 28.07 11.94 6.24
CA LEU A 191 28.42 12.29 7.61
C LEU A 191 28.35 13.80 7.80
N ALA A 192 28.74 14.53 6.75
CA ALA A 192 28.71 15.99 6.79
C ALA A 192 27.25 16.46 6.89
N LYS A 193 26.36 15.87 6.07
CA LYS A 193 24.95 16.21 6.09
C LYS A 193 24.38 15.92 7.48
N VAL A 194 24.64 14.71 7.96
CA VAL A 194 24.15 14.29 9.27
C VAL A 194 24.61 15.27 10.37
N LEU A 195 25.86 15.71 10.28
CA LEU A 195 26.38 16.63 11.28
C LEU A 195 25.71 18.00 11.18
N LEU A 196 25.65 18.55 9.97
CA LEU A 196 25.07 19.87 9.78
C LEU A 196 23.56 19.94 10.03
N TYR A 197 22.88 18.81 9.94
CA TYR A 197 21.45 18.80 10.17
C TYR A 197 21.14 18.38 11.61
N GLY A 198 22.18 18.35 12.44
CA GLY A 198 22.02 17.99 13.85
C GLY A 198 21.61 16.56 14.13
N LEU A 199 22.00 15.63 13.28
CA LEU A 199 21.64 14.23 13.48
C LEU A 199 22.78 13.42 14.12
N GLY A 200 23.92 14.08 14.35
CA GLY A 200 25.05 13.40 14.94
C GLY A 200 24.78 12.59 16.20
N SER A 201 24.03 13.17 17.12
CA SER A 201 23.73 12.52 18.40
C SER A 201 22.68 11.42 18.30
N VAL A 202 21.92 11.39 17.22
CA VAL A 202 20.89 10.36 17.09
C VAL A 202 21.34 9.14 16.29
N PHE A 203 22.33 9.32 15.44
CA PHE A 203 22.87 8.21 14.64
C PHE A 203 24.29 7.84 15.03
N PRO A 204 24.47 6.70 15.74
CA PRO A 204 25.86 6.36 16.07
C PRO A 204 26.56 6.11 14.72
N ILE A 205 27.75 6.68 14.56
CA ILE A 205 28.44 6.55 13.28
C ILE A 205 28.54 5.12 12.75
N GLU A 206 28.57 4.13 13.64
CA GLU A 206 28.67 2.73 13.19
C GLU A 206 27.39 2.22 12.57
N ASN A 207 26.34 3.04 12.60
CA ASN A 207 25.05 2.66 12.05
C ASN A 207 24.70 3.37 10.73
N ILE A 208 25.69 4.03 10.13
CA ILE A 208 25.47 4.75 8.87
C ILE A 208 26.04 3.97 7.70
N TYR A 209 25.22 3.72 6.68
CA TYR A 209 25.67 2.98 5.51
C TYR A 209 25.41 3.75 4.23
N SER A 210 26.38 3.74 3.33
CA SER A 210 26.26 4.43 2.04
C SER A 210 26.01 3.37 0.98
N ALA A 211 24.90 3.49 0.28
CA ALA A 211 24.55 2.52 -0.75
C ALA A 211 24.83 3.04 -2.15
N THR A 212 25.66 4.07 -2.26
CA THR A 212 25.98 4.67 -3.55
C THR A 212 26.31 3.64 -4.61
N LYS A 213 27.14 2.66 -4.27
CA LYS A 213 27.53 1.66 -5.25
C LYS A 213 27.07 0.22 -5.05
N THR A 214 27.07 -0.29 -3.83
CA THR A 214 26.62 -1.66 -3.64
C THR A 214 25.11 -1.76 -3.74
N GLY A 215 24.41 -0.65 -3.48
CA GLY A 215 22.97 -0.66 -3.53
C GLY A 215 22.33 -0.89 -2.17
N LYS A 216 21.10 -0.43 -2.04
CA LYS A 216 20.42 -0.56 -0.77
C LYS A 216 20.08 -1.99 -0.40
N GLU A 217 19.78 -2.83 -1.38
CA GLU A 217 19.44 -4.22 -1.10
C GLU A 217 20.61 -4.88 -0.38
N SER A 218 21.83 -4.68 -0.89
CA SER A 218 23.01 -5.25 -0.24
C SER A 218 23.13 -4.73 1.18
N CYS A 219 23.03 -3.42 1.34
CA CYS A 219 23.14 -2.80 2.67
C CYS A 219 22.11 -3.37 3.64
N PHE A 220 20.89 -3.59 3.17
CA PHE A 220 19.84 -4.12 4.02
C PHE A 220 20.22 -5.52 4.46
N GLU A 221 20.68 -6.32 3.51
CA GLU A 221 21.10 -7.69 3.81
C GLU A 221 22.19 -7.67 4.87
N ARG A 222 23.15 -6.78 4.69
CA ARG A 222 24.26 -6.64 5.63
C ARG A 222 23.76 -6.21 7.02
N ILE A 223 22.77 -5.33 7.05
CA ILE A 223 22.24 -4.86 8.32
C ILE A 223 21.51 -5.99 9.04
N MET A 224 20.87 -6.88 8.28
CA MET A 224 20.17 -8.00 8.91
C MET A 224 21.18 -9.02 9.45
N GLN A 225 22.29 -9.19 8.74
CA GLN A 225 23.33 -10.11 9.17
C GLN A 225 23.86 -9.58 10.50
N ARG A 226 23.96 -8.26 10.61
CA ARG A 226 24.49 -7.63 11.82
C ARG A 226 23.57 -7.69 13.03
N PHE A 227 22.27 -7.50 12.84
CA PHE A 227 21.37 -7.49 14.00
C PHE A 227 20.61 -8.78 14.29
N GLY A 228 20.70 -9.75 13.41
CA GLY A 228 20.03 -11.01 13.66
C GLY A 228 18.67 -11.14 13.02
N ARG A 229 18.17 -12.36 12.96
CA ARG A 229 16.87 -12.65 12.35
C ARG A 229 15.72 -12.53 13.34
N LYS A 230 16.03 -12.43 14.62
CA LYS A 230 14.97 -12.34 15.63
C LYS A 230 14.49 -10.89 15.83
N ALA A 231 15.15 -9.94 15.20
CA ALA A 231 14.76 -8.54 15.32
C ALA A 231 13.77 -8.17 14.21
N VAL A 232 12.90 -7.19 14.49
CA VAL A 232 11.95 -6.74 13.47
C VAL A 232 12.46 -5.46 12.83
N TYR A 233 12.64 -5.52 11.51
CA TYR A 233 13.15 -4.41 10.74
C TYR A 233 12.01 -3.63 10.10
N VAL A 234 12.18 -2.31 10.03
CA VAL A 234 11.22 -1.42 9.40
C VAL A 234 12.05 -0.50 8.52
N VAL A 235 11.80 -0.54 7.21
CA VAL A 235 12.52 0.29 6.27
C VAL A 235 11.66 1.52 6.03
N ILE A 236 12.20 2.66 6.44
CA ILE A 236 11.54 3.96 6.32
C ILE A 236 12.18 4.78 5.19
N GLY A 237 11.37 5.23 4.24
CA GLY A 237 11.93 6.01 3.16
C GLY A 237 10.93 6.59 2.19
N ASP A 238 11.41 7.50 1.36
CA ASP A 238 10.59 8.20 0.37
C ASP A 238 10.81 7.69 -1.05
N GLY A 239 11.96 7.04 -1.27
CA GLY A 239 12.28 6.55 -2.60
C GLY A 239 11.95 5.12 -2.92
N VAL A 240 11.93 4.79 -4.21
CA VAL A 240 11.62 3.44 -4.68
C VAL A 240 12.68 2.39 -4.35
N GLU A 241 13.95 2.73 -4.55
CA GLU A 241 15.03 1.78 -4.29
C GLU A 241 14.84 1.09 -2.95
N GLU A 242 14.74 1.91 -1.92
CA GLU A 242 14.55 1.50 -0.54
C GLU A 242 13.33 0.58 -0.36
N GLU A 243 12.22 0.93 -1.01
CA GLU A 243 11.00 0.15 -0.91
C GLU A 243 11.13 -1.22 -1.60
N GLN A 244 11.74 -1.23 -2.77
CA GLN A 244 11.96 -2.45 -3.54
C GLN A 244 12.89 -3.38 -2.78
N GLY A 245 13.91 -2.79 -2.16
CA GLY A 245 14.85 -3.59 -1.40
C GLY A 245 14.16 -4.19 -0.19
N ALA A 246 13.21 -3.47 0.38
CA ALA A 246 12.49 -3.97 1.54
C ALA A 246 11.63 -5.17 1.15
N LYS A 247 11.13 -5.17 -0.09
CA LYS A 247 10.31 -6.28 -0.59
C LYS A 247 11.16 -7.52 -0.78
N LYS A 248 12.31 -7.36 -1.42
CA LYS A 248 13.20 -8.49 -1.67
C LYS A 248 13.60 -9.21 -0.39
N HIS A 249 13.50 -8.53 0.75
CA HIS A 249 13.88 -9.15 2.02
C HIS A 249 12.72 -9.31 3.00
N ASN A 250 11.49 -9.09 2.52
CA ASN A 250 10.30 -9.20 3.35
C ASN A 250 10.43 -8.36 4.60
N MET A 251 10.88 -7.12 4.43
CA MET A 251 11.04 -6.18 5.53
C MET A 251 9.90 -5.18 5.45
N PRO A 252 9.08 -5.08 6.51
CA PRO A 252 7.98 -4.10 6.43
C PRO A 252 8.51 -2.75 6.01
N PHE A 253 7.72 -2.04 5.20
CA PHE A 253 8.10 -0.73 4.68
C PHE A 253 7.16 0.40 5.10
N TRP A 254 7.76 1.48 5.58
CA TRP A 254 7.00 2.64 6.02
C TRP A 254 7.34 3.83 5.11
N ARG A 255 6.47 4.13 4.16
CA ARG A 255 6.77 5.25 3.26
C ARG A 255 6.53 6.62 3.86
N ILE A 256 7.42 7.54 3.49
CA ILE A 256 7.29 8.92 3.95
C ILE A 256 7.20 9.88 2.75
N SER A 257 6.08 10.57 2.63
CA SER A 257 5.85 11.51 1.55
C SER A 257 5.55 12.92 2.03
N CYS A 258 5.22 13.06 3.30
CA CYS A 258 4.86 14.36 3.87
C CYS A 258 4.99 14.35 5.38
N HIS A 259 4.79 15.51 5.99
CA HIS A 259 4.89 15.64 7.43
C HIS A 259 4.03 14.60 8.18
N ALA A 260 2.80 14.43 7.70
CA ALA A 260 1.85 13.50 8.29
C ALA A 260 2.42 12.11 8.47
N ASP A 261 3.22 11.66 7.52
CA ASP A 261 3.80 10.34 7.62
C ASP A 261 4.80 10.21 8.78
N LEU A 262 5.57 11.27 9.04
CA LEU A 262 6.53 11.28 10.13
C LEU A 262 5.76 11.34 11.43
N GLU A 263 4.62 12.02 11.42
CA GLU A 263 3.79 12.13 12.62
C GLU A 263 3.16 10.78 12.94
N ALA A 264 2.78 10.04 11.90
CA ALA A 264 2.15 8.73 12.11
C ALA A 264 3.15 7.75 12.72
N LEU A 265 4.41 7.82 12.27
CA LEU A 265 5.46 6.96 12.79
C LEU A 265 5.68 7.28 14.26
N ARG A 266 5.73 8.57 14.57
CA ARG A 266 5.93 9.03 15.93
C ARG A 266 4.82 8.48 16.83
N HIS A 267 3.59 8.52 16.35
CA HIS A 267 2.45 8.06 17.13
C HIS A 267 2.56 6.57 17.45
N ALA A 268 2.96 5.78 16.47
CA ALA A 268 3.12 4.34 16.67
C ALA A 268 4.25 4.11 17.67
N LEU A 269 5.31 4.91 17.56
CA LEU A 269 6.45 4.78 18.44
C LEU A 269 6.13 5.02 19.90
N GLU A 270 5.14 5.87 20.19
CA GLU A 270 4.81 6.16 21.58
C GLU A 270 3.76 5.30 22.24
N LEU A 271 3.13 4.40 21.50
CA LEU A 271 2.08 3.54 22.05
C LEU A 271 2.58 2.16 22.45
N GLU A 272 3.80 1.84 22.06
CA GLU A 272 4.36 0.52 22.31
C GLU A 272 5.46 0.43 23.34
N TYR A 273 5.32 -0.52 24.26
CA TYR A 273 6.31 -0.75 25.30
C TYR A 273 6.85 -2.16 25.13
N LEU A 274 8.15 -2.26 24.86
CA LEU A 274 8.79 -3.55 24.64
C LEU A 274 9.62 -3.98 25.83
N GLU B 4 8.20 -9.63 -17.69
CA GLU B 4 9.12 -8.85 -18.57
C GLU B 4 8.41 -7.94 -19.57
N ARG B 5 8.37 -6.65 -19.26
CA ARG B 5 7.75 -5.68 -20.15
C ARG B 5 8.69 -4.51 -20.40
N VAL B 6 8.59 -3.96 -21.60
CA VAL B 6 9.42 -2.83 -21.99
C VAL B 6 8.50 -1.63 -22.21
N PHE B 7 8.72 -0.57 -21.45
CA PHE B 7 7.92 0.64 -21.60
C PHE B 7 8.57 1.58 -22.60
N VAL B 8 7.85 1.90 -23.66
CA VAL B 8 8.37 2.80 -24.68
C VAL B 8 7.72 4.18 -24.49
N TRP B 9 8.45 5.07 -23.81
CA TRP B 9 7.95 6.41 -23.53
C TRP B 9 8.16 7.44 -24.62
N ASP B 10 7.26 8.41 -24.67
CA ASP B 10 7.41 9.53 -25.57
C ASP B 10 8.04 10.56 -24.63
N LEU B 11 8.75 11.54 -25.18
CA LEU B 11 9.38 12.55 -24.36
C LEU B 11 8.50 13.79 -24.18
N ASP B 12 8.40 14.59 -25.24
CA ASP B 12 7.64 15.82 -25.23
C ASP B 12 6.14 15.72 -24.95
N GLU B 13 5.73 16.46 -23.93
CA GLU B 13 4.37 16.53 -23.43
C GLU B 13 3.81 15.21 -22.89
N THR B 14 4.73 14.31 -22.55
CA THR B 14 4.41 13.03 -21.95
C THR B 14 5.21 12.97 -20.63
N ILE B 15 6.53 12.88 -20.71
CA ILE B 15 7.41 12.88 -19.55
C ILE B 15 7.79 14.31 -19.22
N ILE B 16 7.98 15.16 -20.25
CA ILE B 16 8.34 16.58 -20.02
C ILE B 16 7.37 17.62 -20.62
N ILE B 17 7.46 18.82 -20.09
CA ILE B 17 6.65 19.93 -20.55
C ILE B 17 7.68 20.92 -21.01
N PHE B 18 7.73 21.18 -22.32
CA PHE B 18 8.70 22.14 -22.87
C PHE B 18 8.15 22.90 -24.09
N HIS B 19 7.77 22.17 -25.12
CA HIS B 19 7.25 22.75 -26.35
C HIS B 19 5.94 23.48 -26.12
N SER B 20 5.07 22.93 -25.29
CA SER B 20 3.78 23.55 -25.03
C SER B 20 3.95 24.88 -24.30
N LEU B 21 5.14 25.11 -23.79
CA LEU B 21 5.41 26.36 -23.10
C LEU B 21 5.58 27.40 -24.18
N LEU B 22 6.16 26.99 -25.29
CA LEU B 22 6.40 27.88 -26.41
C LEU B 22 5.15 28.19 -27.24
N THR B 23 4.34 27.16 -27.48
CA THR B 23 3.12 27.31 -28.28
C THR B 23 1.95 27.94 -27.53
N GLY B 24 2.11 28.15 -26.23
CA GLY B 24 1.04 28.74 -25.45
C GLY B 24 -0.08 27.76 -25.09
N THR B 25 -0.05 26.53 -25.58
CA THR B 25 -1.14 25.61 -25.24
C THR B 25 -1.14 25.19 -23.78
N PHE B 26 0.02 25.17 -23.14
CA PHE B 26 0.10 24.79 -21.74
C PHE B 26 -0.62 25.78 -20.84
N ALA B 27 -0.27 27.05 -20.98
CA ALA B 27 -0.87 28.11 -20.19
C ALA B 27 -2.39 28.18 -20.31
N SER B 28 -2.90 28.06 -21.52
CA SER B 28 -4.34 28.14 -21.72
C SER B 28 -5.06 26.91 -21.17
N ARG B 29 -4.51 25.74 -21.44
CA ARG B 29 -5.12 24.50 -20.94
C ARG B 29 -5.15 24.33 -19.42
N TYR B 30 -4.08 24.72 -18.73
CA TYR B 30 -4.03 24.56 -17.28
C TYR B 30 -4.21 25.89 -16.55
N GLY B 31 -4.73 26.88 -17.25
CA GLY B 31 -4.95 28.19 -16.62
C GLY B 31 -3.72 28.81 -15.96
N LYS B 32 -2.60 28.79 -16.66
CA LYS B 32 -1.38 29.38 -16.10
C LYS B 32 -1.10 30.69 -16.83
N ASP B 33 -0.17 31.47 -16.29
CA ASP B 33 0.19 32.76 -16.87
C ASP B 33 0.97 32.58 -18.17
N THR B 34 0.40 33.04 -19.28
CA THR B 34 0.99 32.92 -20.61
C THR B 34 2.40 33.49 -20.74
N THR B 35 2.62 34.69 -20.20
CA THR B 35 3.93 35.32 -20.26
C THR B 35 4.99 34.57 -19.48
N THR B 36 4.61 34.06 -18.31
CA THR B 36 5.54 33.30 -17.47
C THR B 36 5.92 32.00 -18.18
N SER B 37 4.94 31.37 -18.81
CA SER B 37 5.16 30.11 -19.53
C SER B 37 6.15 30.28 -20.68
N VAL B 38 5.92 31.28 -21.51
CA VAL B 38 6.78 31.53 -22.66
C VAL B 38 8.17 31.94 -22.21
N ARG B 39 8.26 32.75 -21.17
CA ARG B 39 9.57 33.17 -20.69
C ARG B 39 10.40 31.93 -20.30
N ILE B 40 9.81 31.09 -19.45
CA ILE B 40 10.49 29.88 -18.98
C ILE B 40 10.83 28.96 -20.14
N GLY B 41 9.91 28.86 -21.10
CA GLY B 41 10.13 28.01 -22.26
C GLY B 41 11.28 28.49 -23.13
N LEU B 42 11.35 29.78 -23.37
CA LEU B 42 12.43 30.35 -24.16
C LEU B 42 13.77 30.19 -23.45
N MET B 43 13.79 30.43 -22.14
CA MET B 43 15.03 30.29 -21.38
C MET B 43 15.52 28.84 -21.42
N MET B 44 14.59 27.89 -21.29
CA MET B 44 14.94 26.47 -21.33
C MET B 44 15.39 26.10 -22.75
N GLU B 45 14.67 26.59 -23.74
CA GLU B 45 15.02 26.31 -25.13
C GLU B 45 16.47 26.72 -25.38
N GLU B 46 16.83 27.89 -24.87
CA GLU B 46 18.17 28.42 -25.05
C GLU B 46 19.25 27.56 -24.39
N MET B 47 18.94 27.01 -23.22
CA MET B 47 19.93 26.17 -22.53
C MET B 47 20.10 24.82 -23.21
N ILE B 48 19.05 24.35 -23.86
CA ILE B 48 19.08 23.09 -24.57
C ILE B 48 20.01 23.17 -25.77
N PHE B 49 19.72 24.08 -26.70
CA PHE B 49 20.55 24.23 -27.89
C PHE B 49 21.90 24.85 -27.58
N ASN B 50 22.03 25.44 -26.40
CA ASN B 50 23.28 26.03 -25.99
C ASN B 50 24.20 24.88 -25.58
N LEU B 51 23.61 23.91 -24.88
CA LEU B 51 24.33 22.73 -24.43
C LEU B 51 24.67 21.85 -25.62
N ALA B 52 23.74 21.69 -26.55
CA ALA B 52 23.96 20.86 -27.73
C ALA B 52 25.04 21.44 -28.64
N ASP B 53 25.04 22.76 -28.82
CA ASP B 53 26.04 23.40 -29.67
C ASP B 53 27.43 23.42 -29.05
N THR B 54 27.51 23.84 -27.80
CA THR B 54 28.78 23.94 -27.09
C THR B 54 29.42 22.61 -26.70
N HIS B 55 28.62 21.58 -26.48
CA HIS B 55 29.21 20.31 -26.06
C HIS B 55 28.88 19.09 -26.88
N LEU B 56 27.72 19.07 -27.53
CA LEU B 56 27.33 17.88 -28.29
C LEU B 56 27.51 18.01 -29.80
N PHE B 57 28.41 18.90 -30.21
CA PHE B 57 28.70 19.13 -31.64
C PHE B 57 27.43 19.22 -32.47
N PHE B 58 26.47 20.04 -32.03
CA PHE B 58 25.24 20.16 -32.79
C PHE B 58 25.44 20.82 -34.14
N ASN B 59 26.24 21.88 -34.19
CA ASN B 59 26.49 22.55 -35.47
C ASN B 59 26.99 21.59 -36.53
N ASP B 60 27.70 20.54 -36.10
CA ASP B 60 28.23 19.54 -37.01
C ASP B 60 27.27 18.38 -37.30
N LEU B 61 26.51 17.95 -36.30
CA LEU B 61 25.60 16.82 -36.46
C LEU B 61 24.16 17.18 -36.84
N GLU B 62 23.84 18.47 -36.79
CA GLU B 62 22.50 18.95 -37.10
C GLU B 62 21.85 18.35 -38.35
N ASP B 63 22.67 17.98 -39.34
CA ASP B 63 22.12 17.40 -40.56
C ASP B 63 22.48 15.93 -40.76
N CYS B 64 22.83 15.27 -39.66
CA CYS B 64 23.15 13.84 -39.68
C CYS B 64 22.18 13.22 -38.68
N ASP B 65 20.88 13.36 -38.97
CA ASP B 65 19.86 12.84 -38.07
C ASP B 65 20.04 11.34 -37.78
N GLN B 66 20.76 11.04 -36.71
CA GLN B 66 20.98 9.66 -36.31
C GLN B 66 19.84 9.18 -35.43
N ILE B 67 19.40 7.95 -35.66
CA ILE B 67 18.30 7.37 -34.89
C ILE B 67 18.79 7.00 -33.49
N HIS B 68 19.91 6.32 -33.43
CA HIS B 68 20.48 5.87 -32.17
C HIS B 68 21.91 6.41 -32.06
N VAL B 69 22.54 6.19 -30.91
CA VAL B 69 23.90 6.69 -30.70
C VAL B 69 25.00 5.76 -31.21
N ASP B 70 24.65 4.50 -31.47
CA ASP B 70 25.62 3.52 -31.96
C ASP B 70 25.37 3.14 -33.41
N ASP B 71 24.55 3.91 -34.10
CA ASP B 71 24.25 3.60 -35.50
C ASP B 71 25.42 3.81 -36.44
N VAL B 72 26.54 4.27 -35.91
CA VAL B 72 27.73 4.51 -36.72
C VAL B 72 28.96 3.88 -36.08
N SER B 73 28.75 2.82 -35.29
CA SER B 73 29.85 2.14 -34.61
C SER B 73 30.83 1.49 -35.59
N SER B 74 30.30 0.98 -36.70
CA SER B 74 31.09 0.33 -37.75
C SER B 74 32.25 1.23 -38.19
N ASP B 75 31.90 2.46 -38.52
CA ASP B 75 32.86 3.44 -39.02
C ASP B 75 33.76 4.09 -37.97
N ASP B 76 34.21 3.30 -37.00
CA ASP B 76 35.09 3.82 -35.96
C ASP B 76 36.37 2.98 -35.90
N ASN B 77 37.15 3.19 -34.85
CA ASN B 77 38.42 2.49 -34.62
C ASN B 77 39.02 2.96 -33.29
N GLY B 78 38.47 2.42 -32.21
CA GLY B 78 38.88 2.75 -30.85
C GLY B 78 40.15 3.56 -30.63
N GLN B 79 39.98 4.85 -30.34
CA GLN B 79 41.10 5.76 -30.08
C GLN B 79 40.82 6.49 -28.78
N ASP B 80 41.83 6.66 -27.95
CA ASP B 80 41.66 7.35 -26.68
C ASP B 80 41.66 8.85 -26.98
N LEU B 81 40.67 9.26 -27.76
CA LEU B 81 40.48 10.63 -28.19
C LEU B 81 40.22 11.60 -27.04
N SER B 82 40.54 11.16 -25.81
CA SER B 82 40.38 12.00 -24.63
C SER B 82 41.22 13.25 -24.86
N THR B 83 42.07 13.18 -25.87
CA THR B 83 42.97 14.27 -26.24
C THR B 83 42.75 14.71 -27.69
N TYR B 84 41.88 14.01 -28.41
CA TYR B 84 41.57 14.33 -29.79
C TYR B 84 41.18 15.81 -29.94
N ASN B 85 41.40 16.36 -31.13
CA ASN B 85 41.09 17.76 -31.39
C ASN B 85 40.06 17.91 -32.52
N PHE B 86 38.78 17.97 -32.16
CA PHE B 86 37.69 18.09 -33.12
C PHE B 86 37.68 19.45 -33.82
N SER B 87 38.21 20.46 -33.15
CA SER B 87 38.26 21.81 -33.70
C SER B 87 39.27 21.91 -34.84
N ALA B 88 40.09 20.87 -35.00
CA ALA B 88 41.11 20.82 -36.05
C ALA B 88 40.60 20.19 -37.35
N ASP B 89 40.31 18.89 -37.31
CA ASP B 89 39.83 18.17 -38.50
C ASP B 89 38.64 18.86 -39.16
N GLY B 90 38.56 18.74 -40.48
CA GLY B 90 37.46 19.34 -41.22
C GLY B 90 36.19 18.53 -41.01
N PHE B 91 35.10 18.94 -41.66
CA PHE B 91 33.82 18.24 -41.54
C PHE B 91 32.69 19.09 -42.11
N HIS B 92 31.77 18.43 -42.81
CA HIS B 92 30.62 19.10 -43.42
C HIS B 92 29.27 18.42 -43.06
N ASP B 111 38.00 7.75 -43.28
CA ASP B 111 37.77 9.03 -44.00
C ASP B 111 36.81 9.93 -43.23
N TRP B 112 35.65 10.21 -43.82
CA TRP B 112 34.62 11.06 -43.22
C TRP B 112 33.89 10.34 -42.09
N MET B 113 33.48 9.09 -42.34
CA MET B 113 32.78 8.29 -41.36
C MET B 113 33.53 8.18 -40.03
N ARG B 114 34.86 8.15 -40.07
CA ARG B 114 35.64 8.04 -38.84
C ARG B 114 35.55 9.30 -37.98
N LYS B 115 35.44 10.46 -38.62
CA LYS B 115 35.36 11.73 -37.89
C LYS B 115 33.95 11.97 -37.37
N LEU B 116 32.99 11.32 -38.03
CA LEU B 116 31.59 11.43 -37.66
C LEU B 116 31.28 10.51 -36.49
N ALA B 117 31.81 9.30 -36.52
CA ALA B 117 31.59 8.33 -35.46
C ALA B 117 32.27 8.73 -34.16
N PHE B 118 33.34 9.52 -34.27
CA PHE B 118 34.08 9.98 -33.10
C PHE B 118 33.28 10.96 -32.26
N ARG B 119 32.63 11.90 -32.94
CA ARG B 119 31.84 12.90 -32.24
C ARG B 119 30.71 12.26 -31.42
N TYR B 120 30.19 11.13 -31.92
CA TYR B 120 29.11 10.43 -31.21
C TYR B 120 29.62 9.64 -30.02
N ARG B 121 30.77 8.99 -30.17
CA ARG B 121 31.31 8.24 -29.04
C ARG B 121 31.71 9.24 -27.98
N ARG B 122 32.00 10.47 -28.40
CA ARG B 122 32.37 11.51 -27.45
C ARG B 122 31.12 11.95 -26.70
N VAL B 123 30.06 12.22 -27.45
CA VAL B 123 28.77 12.61 -26.88
C VAL B 123 28.36 11.55 -25.87
N LYS B 124 28.47 10.30 -26.27
CA LYS B 124 28.12 9.17 -25.43
C LYS B 124 28.94 9.14 -24.14
N GLU B 125 30.21 9.56 -24.21
CA GLU B 125 31.08 9.57 -23.05
C GLU B 125 30.71 10.69 -22.08
N MET B 126 30.24 11.81 -22.62
CA MET B 126 29.86 12.95 -21.80
C MET B 126 28.50 12.75 -21.13
N TYR B 127 27.61 12.10 -21.85
CA TYR B 127 26.28 11.81 -21.35
C TYR B 127 26.44 10.92 -20.12
N ASN B 128 27.28 9.90 -20.25
CA ASN B 128 27.49 8.97 -19.15
C ASN B 128 28.32 9.51 -17.99
N THR B 129 29.14 10.51 -18.23
CA THR B 129 29.95 11.03 -17.14
C THR B 129 29.40 12.32 -16.57
N TYR B 130 28.26 12.78 -17.09
CA TYR B 130 27.65 14.00 -16.63
C TYR B 130 26.16 13.87 -16.37
N LYS B 131 25.61 12.70 -16.69
CA LYS B 131 24.18 12.44 -16.49
C LYS B 131 23.72 12.69 -15.05
N ASN B 132 24.66 12.70 -14.11
CA ASN B 132 24.30 12.94 -12.72
C ASN B 132 25.13 14.07 -12.16
N ASN B 133 25.71 14.86 -13.06
CA ASN B 133 26.57 15.99 -12.69
C ASN B 133 26.45 17.06 -13.78
N VAL B 134 25.23 17.28 -14.25
CA VAL B 134 24.95 18.26 -15.29
C VAL B 134 25.67 19.58 -15.06
N GLY B 135 25.85 19.94 -13.79
CA GLY B 135 26.52 21.18 -13.47
C GLY B 135 27.99 21.19 -13.83
N GLY B 136 28.62 20.01 -13.82
CA GLY B 136 30.02 19.93 -14.15
C GLY B 136 30.28 20.13 -15.62
N LEU B 137 29.27 19.83 -16.43
CA LEU B 137 29.34 19.94 -17.88
C LEU B 137 28.98 21.32 -18.39
N ILE B 138 28.04 21.95 -17.70
CA ILE B 138 27.52 23.26 -18.08
C ILE B 138 28.25 24.45 -17.44
N GLY B 139 29.03 24.18 -16.39
CA GLY B 139 29.75 25.25 -15.73
C GLY B 139 28.99 25.75 -14.52
N THR B 140 29.72 26.27 -13.53
CA THR B 140 29.13 26.77 -12.29
C THR B 140 28.05 27.84 -12.46
N PRO B 141 28.37 28.92 -13.20
CA PRO B 141 27.36 29.98 -13.38
C PRO B 141 26.08 29.50 -14.06
N LYS B 142 26.23 28.76 -15.16
CA LYS B 142 25.07 28.25 -15.89
C LYS B 142 24.27 27.22 -15.11
N ARG B 143 24.94 26.50 -14.23
CA ARG B 143 24.28 25.49 -13.43
C ARG B 143 23.27 26.16 -12.49
N GLU B 144 23.68 27.27 -11.89
CA GLU B 144 22.81 27.94 -10.97
C GLU B 144 21.56 28.50 -11.63
N THR B 145 21.71 29.17 -12.77
CA THR B 145 20.53 29.70 -13.43
C THR B 145 19.68 28.52 -13.92
N TRP B 146 20.34 27.41 -14.22
CA TRP B 146 19.65 26.21 -14.66
C TRP B 146 18.80 25.65 -13.51
N LEU B 147 19.36 25.63 -12.30
CA LEU B 147 18.63 25.12 -11.15
C LEU B 147 17.39 25.96 -10.88
N GLN B 148 17.53 27.28 -10.93
CA GLN B 148 16.39 28.14 -10.68
C GLN B 148 15.30 28.12 -11.76
N LEU B 149 15.70 27.89 -13.00
CA LEU B 149 14.75 27.82 -14.09
C LEU B 149 13.92 26.55 -13.86
N ARG B 150 14.62 25.46 -13.59
CA ARG B 150 13.98 24.19 -13.34
C ARG B 150 13.01 24.30 -12.17
N ALA B 151 13.39 25.04 -11.14
CA ALA B 151 12.56 25.21 -9.97
C ALA B 151 11.27 25.98 -10.29
N GLU B 152 11.38 27.00 -11.15
CA GLU B 152 10.20 27.76 -11.54
C GLU B 152 9.30 26.82 -12.35
N LEU B 153 9.93 26.08 -13.28
CA LEU B 153 9.21 25.15 -14.11
C LEU B 153 8.36 24.18 -13.27
N GLU B 154 8.94 23.57 -12.24
CA GLU B 154 8.19 22.64 -11.39
C GLU B 154 7.00 23.31 -10.75
N ALA B 155 7.12 24.60 -10.48
CA ALA B 155 6.03 25.35 -9.87
C ALA B 155 4.94 25.63 -10.92
N LEU B 156 5.37 26.07 -12.11
CA LEU B 156 4.43 26.35 -13.18
C LEU B 156 3.65 25.12 -13.62
N THR B 157 4.36 24.01 -13.79
CA THR B 157 3.74 22.77 -14.26
C THR B 157 3.19 21.89 -13.14
N ASP B 158 3.17 22.40 -11.92
CA ASP B 158 2.66 21.65 -10.78
C ASP B 158 3.24 20.23 -10.63
N LEU B 159 4.57 20.16 -10.48
CA LEU B 159 5.28 18.89 -10.29
C LEU B 159 5.15 17.81 -11.38
N TRP B 160 5.01 18.23 -12.64
CA TRP B 160 4.88 17.28 -13.75
C TRP B 160 6.11 16.37 -13.82
N LEU B 161 7.29 16.98 -13.99
CA LEU B 161 8.53 16.21 -14.10
C LEU B 161 8.74 15.30 -12.88
N THR B 162 8.42 15.81 -11.70
CA THR B 162 8.54 15.04 -10.48
C THR B 162 7.71 13.77 -10.61
N HIS B 163 6.47 13.93 -11.07
CA HIS B 163 5.56 12.81 -11.23
C HIS B 163 6.01 11.78 -12.27
N SER B 164 6.55 12.24 -13.40
CA SER B 164 7.00 11.33 -14.45
C SER B 164 8.25 10.60 -13.98
N LEU B 165 9.14 11.32 -13.32
CA LEU B 165 10.35 10.73 -12.78
C LEU B 165 9.97 9.57 -11.85
N LYS B 166 8.97 9.80 -11.00
CA LYS B 166 8.50 8.77 -10.07
C LYS B 166 8.06 7.56 -10.84
N ALA B 167 7.33 7.77 -11.93
CA ALA B 167 6.88 6.65 -12.74
C ALA B 167 8.10 5.94 -13.31
N LEU B 168 8.99 6.70 -13.92
CA LEU B 168 10.21 6.13 -14.51
C LEU B 168 11.07 5.38 -13.49
N ASN B 169 11.33 6.00 -12.35
CA ASN B 169 12.15 5.36 -11.32
C ASN B 169 11.49 4.08 -10.79
N LEU B 170 10.17 4.04 -10.82
CA LEU B 170 9.45 2.87 -10.32
C LEU B 170 9.69 1.72 -11.29
N ILE B 171 9.61 2.03 -12.57
CA ILE B 171 9.84 1.04 -13.61
C ILE B 171 11.30 0.61 -13.52
N ASN B 172 12.18 1.58 -13.28
CA ASN B 172 13.60 1.30 -13.17
C ASN B 172 13.90 0.29 -12.07
N SER B 173 13.24 0.43 -10.92
CA SER B 173 13.47 -0.46 -9.80
C SER B 173 12.97 -1.88 -10.02
N ARG B 174 12.02 -2.05 -10.94
CA ARG B 174 11.49 -3.38 -11.23
C ARG B 174 12.58 -4.18 -11.93
N PRO B 175 12.79 -5.41 -11.46
CA PRO B 175 13.81 -6.33 -11.99
C PRO B 175 13.77 -6.71 -13.48
N ASN B 176 12.58 -6.93 -14.04
CA ASN B 176 12.50 -7.33 -15.45
C ASN B 176 11.73 -6.39 -16.35
N CYS B 177 11.76 -5.10 -16.02
CA CYS B 177 11.09 -4.07 -16.80
C CYS B 177 12.12 -3.01 -17.12
N VAL B 178 11.98 -2.32 -18.23
CA VAL B 178 12.94 -1.28 -18.56
C VAL B 178 12.33 -0.10 -19.32
N ASN B 179 13.00 1.04 -19.26
CA ASN B 179 12.52 2.22 -19.95
C ASN B 179 13.27 2.48 -21.23
N VAL B 180 12.52 2.81 -22.28
CA VAL B 180 13.07 3.12 -23.59
C VAL B 180 12.41 4.43 -23.98
N LEU B 181 13.13 5.26 -24.74
CA LEU B 181 12.59 6.54 -25.14
C LEU B 181 12.53 6.73 -26.66
N VAL B 182 11.35 7.13 -27.15
CA VAL B 182 11.15 7.37 -28.59
C VAL B 182 10.58 8.77 -28.74
N THR B 183 11.32 9.64 -29.41
CA THR B 183 10.87 11.01 -29.58
C THR B 183 11.04 11.60 -30.98
N THR B 184 10.14 12.53 -31.31
CA THR B 184 10.14 13.24 -32.58
C THR B 184 11.33 14.22 -32.63
N THR B 185 11.97 14.43 -31.49
CA THR B 185 13.10 15.32 -31.36
C THR B 185 14.37 14.66 -31.94
N GLN B 186 15.25 15.46 -32.53
CA GLN B 186 16.51 14.93 -33.08
C GLN B 186 17.37 14.41 -31.93
N LEU B 187 18.13 13.35 -32.19
CA LEU B 187 18.98 12.74 -31.16
C LEU B 187 19.83 13.70 -30.31
N ILE B 188 20.64 14.54 -30.95
CA ILE B 188 21.50 15.46 -30.20
C ILE B 188 20.70 16.40 -29.27
N PRO B 189 19.70 17.11 -29.81
CA PRO B 189 18.90 18.02 -28.98
C PRO B 189 18.14 17.23 -27.92
N ALA B 190 17.70 16.03 -28.30
CA ALA B 190 16.97 15.16 -27.38
C ALA B 190 17.83 14.78 -26.18
N LEU B 191 19.11 14.45 -26.43
CA LEU B 191 20.03 14.12 -25.35
C LEU B 191 20.20 15.33 -24.44
N ALA B 192 20.25 16.52 -25.05
CA ALA B 192 20.40 17.76 -24.30
C ALA B 192 19.18 17.97 -23.39
N LYS B 193 17.99 17.69 -23.92
CA LYS B 193 16.78 17.84 -23.14
C LYS B 193 16.75 16.84 -21.99
N VAL B 194 17.16 15.61 -22.29
CA VAL B 194 17.18 14.54 -21.29
C VAL B 194 18.13 14.86 -20.12
N LEU B 195 19.24 15.52 -20.43
CA LEU B 195 20.21 15.89 -19.42
C LEU B 195 19.67 17.04 -18.58
N LEU B 196 19.21 18.09 -19.24
CA LEU B 196 18.69 19.27 -18.55
C LEU B 196 17.42 19.04 -17.73
N TYR B 197 16.73 17.93 -17.99
CA TYR B 197 15.52 17.61 -17.27
C TYR B 197 15.72 16.47 -16.27
N GLY B 198 16.98 16.15 -15.97
CA GLY B 198 17.31 15.10 -15.02
C GLY B 198 16.93 13.69 -15.40
N LEU B 199 16.71 13.44 -16.69
CA LEU B 199 16.33 12.10 -17.14
C LEU B 199 17.56 11.28 -17.52
N GLY B 200 18.73 11.91 -17.51
CA GLY B 200 19.94 11.21 -17.86
C GLY B 200 20.12 9.96 -17.03
N SER B 201 19.80 10.08 -15.75
CA SER B 201 19.95 8.98 -14.81
C SER B 201 18.92 7.86 -14.96
N VAL B 202 17.81 8.13 -15.63
CA VAL B 202 16.79 7.10 -15.80
C VAL B 202 16.92 6.40 -17.13
N PHE B 203 17.49 7.09 -18.12
CA PHE B 203 17.64 6.49 -19.45
C PHE B 203 19.09 6.22 -19.83
N PRO B 204 19.45 4.94 -20.00
CA PRO B 204 20.84 4.67 -20.41
C PRO B 204 20.86 5.18 -21.85
N ILE B 205 21.92 5.86 -22.26
CA ILE B 205 21.96 6.43 -23.60
C ILE B 205 21.59 5.51 -24.76
N GLU B 206 21.83 4.21 -24.59
CA GLU B 206 21.53 3.24 -25.65
C GLU B 206 20.06 2.88 -25.74
N ASN B 207 19.25 3.49 -24.87
CA ASN B 207 17.81 3.22 -24.87
C ASN B 207 17.04 4.43 -25.37
N ILE B 208 17.73 5.33 -26.06
CA ILE B 208 17.10 6.53 -26.59
C ILE B 208 17.10 6.54 -28.11
N TYR B 209 15.90 6.58 -28.68
CA TYR B 209 15.74 6.59 -30.13
C TYR B 209 15.07 7.87 -30.60
N SER B 210 15.59 8.39 -31.72
CA SER B 210 15.06 9.59 -32.35
C SER B 210 14.34 9.15 -33.61
N ALA B 211 13.05 9.47 -33.71
CA ALA B 211 12.25 9.09 -34.86
C ALA B 211 11.96 10.26 -35.79
N THR B 212 12.81 11.28 -35.75
CA THR B 212 12.63 12.45 -36.59
C THR B 212 12.51 12.05 -38.07
N LYS B 213 13.45 11.21 -38.51
CA LYS B 213 13.47 10.77 -39.90
C LYS B 213 12.73 9.49 -40.23
N THR B 214 13.11 8.37 -39.61
CA THR B 214 12.47 7.08 -39.91
C THR B 214 11.05 6.89 -39.41
N GLY B 215 10.57 7.78 -38.56
CA GLY B 215 9.22 7.64 -38.04
C GLY B 215 9.20 6.79 -36.79
N LYS B 216 8.12 6.83 -36.04
CA LYS B 216 8.05 6.07 -34.80
C LYS B 216 7.78 4.59 -34.99
N GLU B 217 6.94 4.22 -35.95
CA GLU B 217 6.66 2.81 -36.16
C GLU B 217 7.96 2.06 -36.41
N SER B 218 8.88 2.68 -37.15
CA SER B 218 10.17 2.04 -37.43
C SER B 218 10.94 1.79 -36.13
N CYS B 219 11.06 2.82 -35.31
CA CYS B 219 11.78 2.68 -34.05
C CYS B 219 11.16 1.59 -33.20
N PHE B 220 9.84 1.51 -33.21
CA PHE B 220 9.15 0.48 -32.42
C PHE B 220 9.59 -0.89 -32.88
N GLU B 221 9.75 -1.06 -34.19
CA GLU B 221 10.17 -2.33 -34.74
C GLU B 221 11.58 -2.66 -34.23
N ARG B 222 12.48 -1.69 -34.30
CA ARG B 222 13.85 -1.90 -33.83
C ARG B 222 13.86 -2.36 -32.37
N ILE B 223 13.03 -1.70 -31.57
CA ILE B 223 12.93 -2.00 -30.15
C ILE B 223 12.31 -3.37 -29.93
N MET B 224 11.41 -3.77 -30.82
CA MET B 224 10.78 -5.07 -30.67
C MET B 224 11.76 -6.21 -31.03
N GLN B 225 12.60 -6.00 -32.03
CA GLN B 225 13.55 -7.03 -32.39
C GLN B 225 14.73 -6.98 -31.44
N ARG B 226 14.88 -5.88 -30.69
CA ARG B 226 15.97 -5.77 -29.74
C ARG B 226 15.69 -6.54 -28.44
N PHE B 227 14.43 -6.60 -28.04
CA PHE B 227 14.07 -7.31 -26.81
C PHE B 227 13.32 -8.61 -27.02
N GLY B 228 13.13 -9.00 -28.28
CA GLY B 228 12.44 -10.26 -28.57
C GLY B 228 10.93 -10.27 -28.47
N ARG B 229 10.34 -11.44 -28.67
CA ARG B 229 8.89 -11.59 -28.62
C ARG B 229 8.38 -12.02 -27.25
N LYS B 230 9.30 -12.35 -26.34
CA LYS B 230 8.90 -12.78 -25.00
C LYS B 230 8.45 -11.59 -24.16
N ALA B 231 8.60 -10.38 -24.67
CA ALA B 231 8.22 -9.20 -23.90
C ALA B 231 6.95 -8.50 -24.36
N VAL B 232 6.33 -7.79 -23.43
CA VAL B 232 5.12 -7.03 -23.71
C VAL B 232 5.59 -5.58 -23.82
N TYR B 233 5.29 -4.94 -24.95
CA TYR B 233 5.73 -3.57 -25.16
C TYR B 233 4.63 -2.56 -24.87
N VAL B 234 4.78 -1.84 -23.76
CA VAL B 234 3.80 -0.83 -23.38
C VAL B 234 4.26 0.52 -23.93
N VAL B 235 3.42 1.12 -24.77
CA VAL B 235 3.72 2.41 -25.38
C VAL B 235 2.94 3.49 -24.64
N ILE B 236 3.67 4.47 -24.11
CA ILE B 236 3.10 5.57 -23.35
C ILE B 236 3.33 6.88 -24.08
N GLY B 237 2.26 7.62 -24.36
CA GLY B 237 2.43 8.89 -25.06
C GLY B 237 1.20 9.77 -25.22
N ASP B 238 1.44 10.98 -25.72
CA ASP B 238 0.38 11.97 -25.92
C ASP B 238 0.09 12.26 -27.39
N GLY B 239 0.92 11.75 -28.29
CA GLY B 239 0.71 12.00 -29.70
C GLY B 239 0.05 10.88 -30.47
N VAL B 240 -0.51 11.21 -31.63
CA VAL B 240 -1.19 10.22 -32.48
C VAL B 240 -0.21 9.22 -33.10
N GLU B 241 0.98 9.69 -33.50
CA GLU B 241 1.94 8.78 -34.12
C GLU B 241 2.21 7.56 -33.24
N GLU B 242 2.53 7.81 -31.97
CA GLU B 242 2.80 6.74 -31.02
C GLU B 242 1.60 5.81 -30.87
N GLU B 243 0.41 6.39 -30.81
CA GLU B 243 -0.83 5.63 -30.67
C GLU B 243 -1.10 4.67 -31.84
N GLN B 244 -1.04 5.17 -33.07
CA GLN B 244 -1.28 4.31 -34.23
C GLN B 244 -0.15 3.30 -34.41
N GLY B 245 1.08 3.76 -34.26
CA GLY B 245 2.21 2.87 -34.38
C GLY B 245 2.04 1.71 -33.43
N ALA B 246 1.48 1.99 -32.26
CA ALA B 246 1.27 0.95 -31.25
C ALA B 246 0.15 -0.01 -31.67
N LYS B 247 -0.94 0.53 -32.21
CA LYS B 247 -2.08 -0.27 -32.63
C LYS B 247 -1.74 -1.25 -33.75
N LYS B 248 -0.96 -0.79 -34.73
CA LYS B 248 -0.60 -1.65 -35.84
C LYS B 248 0.02 -2.93 -35.36
N HIS B 249 0.94 -2.85 -34.42
CA HIS B 249 1.60 -4.03 -33.90
C HIS B 249 0.98 -4.56 -32.62
N ASN B 250 -0.25 -4.13 -32.35
CA ASN B 250 -0.99 -4.58 -31.17
C ASN B 250 -0.27 -4.41 -29.84
N MET B 251 0.49 -3.33 -29.72
CA MET B 251 1.23 -3.02 -28.49
C MET B 251 0.30 -2.23 -27.57
N PRO B 252 0.16 -2.67 -26.32
CA PRO B 252 -0.72 -1.92 -25.42
C PRO B 252 -0.33 -0.43 -25.39
N PHE B 253 -1.34 0.43 -25.48
CA PHE B 253 -1.11 1.86 -25.48
C PHE B 253 -1.84 2.62 -24.39
N TRP B 254 -1.12 3.56 -23.78
CA TRP B 254 -1.64 4.42 -22.74
C TRP B 254 -1.54 5.84 -23.25
N ARG B 255 -2.69 6.48 -23.42
CA ARG B 255 -2.76 7.85 -23.91
C ARG B 255 -2.73 8.83 -22.76
N ILE B 256 -1.69 9.66 -22.75
CA ILE B 256 -1.51 10.67 -21.72
C ILE B 256 -1.75 12.03 -22.34
N SER B 257 -2.95 12.55 -22.17
CA SER B 257 -3.27 13.84 -22.77
C SER B 257 -3.30 15.01 -21.79
N CYS B 258 -3.17 14.73 -20.51
CA CYS B 258 -3.15 15.80 -19.51
C CYS B 258 -2.48 15.28 -18.25
N HIS B 259 -2.10 16.21 -17.38
CA HIS B 259 -1.42 15.86 -16.13
C HIS B 259 -2.15 14.72 -15.39
N ALA B 260 -3.45 14.86 -15.24
CA ALA B 260 -4.23 13.85 -14.52
C ALA B 260 -4.01 12.43 -15.05
N ASP B 261 -3.80 12.31 -16.37
CA ASP B 261 -3.56 11.01 -17.00
C ASP B 261 -2.20 10.47 -16.54
N LEU B 262 -1.23 11.36 -16.44
CA LEU B 262 0.11 11.01 -16.01
C LEU B 262 0.02 10.40 -14.61
N GLU B 263 -0.72 11.08 -13.74
CA GLU B 263 -0.89 10.64 -12.37
C GLU B 263 -1.58 9.29 -12.30
N ALA B 264 -2.58 9.07 -13.14
CA ALA B 264 -3.30 7.81 -13.14
C ALA B 264 -2.39 6.64 -13.58
N LEU B 265 -1.59 6.87 -14.60
CA LEU B 265 -0.66 5.85 -15.09
C LEU B 265 0.28 5.49 -13.97
N ARG B 266 0.83 6.51 -13.34
CA ARG B 266 1.78 6.32 -12.26
C ARG B 266 1.17 5.50 -11.13
N HIS B 267 -0.11 5.78 -10.84
CA HIS B 267 -0.82 5.06 -9.81
C HIS B 267 -0.97 3.60 -10.23
N ALA B 268 -1.27 3.38 -11.52
CA ALA B 268 -1.42 2.03 -12.06
C ALA B 268 -0.11 1.27 -11.86
N LEU B 269 1.02 1.96 -12.02
CA LEU B 269 2.32 1.33 -11.82
C LEU B 269 2.48 0.98 -10.34
N GLU B 270 2.06 1.88 -9.45
CA GLU B 270 2.15 1.65 -8.00
C GLU B 270 1.45 0.34 -7.60
N LEU B 271 0.28 0.09 -8.16
CA LEU B 271 -0.48 -1.09 -7.84
C LEU B 271 -0.07 -2.29 -8.70
N GLU B 272 0.80 -2.05 -9.66
CA GLU B 272 1.29 -3.09 -10.55
C GLU B 272 0.22 -3.52 -11.55
N TYR B 273 -0.80 -2.67 -11.70
CA TYR B 273 -1.88 -2.91 -12.63
C TYR B 273 -1.21 -2.78 -13.99
N LEU B 274 -0.01 -2.23 -13.99
CA LEU B 274 0.77 -2.05 -15.20
C LEU B 274 2.23 -2.24 -14.84
N SER C 1 -1.97 -11.57 -31.30
CA SER C 1 -1.10 -10.99 -30.23
C SER C 1 -1.79 -9.80 -29.57
N HIS C 2 -2.66 -10.09 -28.60
CA HIS C 2 -3.39 -9.05 -27.88
C HIS C 2 -3.32 -9.33 -26.39
N MET C 3 -2.93 -8.33 -25.61
CA MET C 3 -2.85 -8.50 -24.16
C MET C 3 -4.27 -8.64 -23.65
N GLU C 4 -4.48 -9.56 -22.72
CA GLU C 4 -5.80 -9.77 -22.14
C GLU C 4 -5.81 -9.47 -20.65
N ARG C 5 -6.87 -8.82 -20.18
CA ARG C 5 -6.99 -8.51 -18.76
C ARG C 5 -8.24 -9.14 -18.18
N VAL C 6 -8.11 -9.69 -16.98
CA VAL C 6 -9.24 -10.30 -16.28
C VAL C 6 -9.41 -9.55 -14.96
N PHE C 7 -10.59 -9.00 -14.75
CA PHE C 7 -10.88 -8.26 -13.53
C PHE C 7 -11.69 -9.12 -12.58
N VAL C 8 -11.04 -9.52 -11.48
CA VAL C 8 -11.69 -10.36 -10.47
C VAL C 8 -12.29 -9.49 -9.37
N TRP C 9 -13.55 -9.13 -9.54
CA TRP C 9 -14.27 -8.29 -8.59
C TRP C 9 -14.79 -8.96 -7.32
N ASP C 10 -15.01 -8.15 -6.30
CA ASP C 10 -15.64 -8.61 -5.07
C ASP C 10 -17.04 -8.01 -5.26
N LEU C 11 -18.02 -8.50 -4.52
CA LEU C 11 -19.37 -7.97 -4.68
C LEU C 11 -19.74 -6.98 -3.58
N ASP C 12 -19.86 -7.48 -2.36
CA ASP C 12 -20.24 -6.65 -1.23
C ASP C 12 -19.21 -5.59 -0.81
N GLU C 13 -19.69 -4.35 -0.72
CA GLU C 13 -18.89 -3.18 -0.35
C GLU C 13 -17.77 -2.86 -1.31
N THR C 14 -17.89 -3.39 -2.53
CA THR C 14 -16.94 -3.09 -3.59
C THR C 14 -17.82 -2.57 -4.72
N ILE C 15 -18.70 -3.43 -5.24
CA ILE C 15 -19.59 -3.05 -6.33
C ILE C 15 -20.90 -2.49 -5.78
N ILE C 16 -21.45 -3.17 -4.78
CA ILE C 16 -22.70 -2.72 -4.18
C ILE C 16 -22.53 -2.40 -2.71
N ILE C 17 -23.50 -1.70 -2.16
CA ILE C 17 -23.52 -1.32 -0.77
C ILE C 17 -24.79 -2.00 -0.26
N PHE C 18 -24.63 -2.98 0.60
CA PHE C 18 -25.76 -3.71 1.16
C PHE C 18 -25.51 -4.04 2.64
N HIS C 19 -24.57 -4.94 2.91
CA HIS C 19 -24.25 -5.30 4.29
C HIS C 19 -23.95 -4.05 5.12
N SER C 20 -23.30 -3.06 4.52
CA SER C 20 -22.95 -1.80 5.18
C SER C 20 -24.16 -1.04 5.68
N LEU C 21 -25.29 -1.25 5.03
CA LEU C 21 -26.50 -0.56 5.43
C LEU C 21 -27.02 -1.12 6.74
N LEU C 22 -26.81 -2.42 6.95
CA LEU C 22 -27.29 -3.08 8.16
C LEU C 22 -26.46 -2.84 9.42
N THR C 23 -25.15 -2.67 9.27
CA THR C 23 -24.26 -2.44 10.44
C THR C 23 -24.12 -0.97 10.78
N GLY C 24 -24.65 -0.13 9.91
CA GLY C 24 -24.58 1.30 10.11
C GLY C 24 -23.23 1.94 9.83
N THR C 25 -22.24 1.18 9.35
CA THR C 25 -20.95 1.79 9.10
C THR C 25 -21.02 2.80 7.95
N PHE C 26 -21.71 2.47 6.86
CA PHE C 26 -21.79 3.40 5.74
C PHE C 26 -22.46 4.72 6.15
N ALA C 27 -23.65 4.64 6.76
CA ALA C 27 -24.36 5.84 7.16
C ALA C 27 -23.50 6.66 8.12
N SER C 28 -22.81 5.96 9.01
CA SER C 28 -21.94 6.62 9.96
C SER C 28 -20.80 7.31 9.24
N ARG C 29 -20.15 6.62 8.31
CA ARG C 29 -19.03 7.21 7.59
C ARG C 29 -19.41 8.42 6.73
N TYR C 30 -20.56 8.36 6.06
CA TYR C 30 -20.98 9.44 5.19
C TYR C 30 -22.10 10.32 5.73
N GLY C 31 -22.39 10.24 7.02
CA GLY C 31 -23.41 11.08 7.61
C GLY C 31 -24.84 10.92 7.10
N LYS C 32 -25.30 9.68 7.02
CA LYS C 32 -26.66 9.43 6.57
C LYS C 32 -27.50 9.01 7.78
N ASP C 33 -28.81 8.97 7.62
CA ASP C 33 -29.67 8.56 8.72
C ASP C 33 -29.54 7.05 8.93
N THR C 34 -29.14 6.65 10.13
CA THR C 34 -28.95 5.24 10.45
C THR C 34 -30.26 4.46 10.38
N THR C 35 -31.33 5.06 10.87
CA THR C 35 -32.62 4.41 10.86
C THR C 35 -33.05 4.11 9.42
N THR C 36 -32.86 5.08 8.51
CA THR C 36 -33.20 4.89 7.11
C THR C 36 -32.28 3.81 6.54
N SER C 37 -31.00 3.93 6.90
CA SER C 37 -29.99 2.99 6.45
C SER C 37 -30.42 1.55 6.74
N VAL C 38 -30.73 1.25 8.00
CA VAL C 38 -31.15 -0.09 8.38
C VAL C 38 -32.48 -0.47 7.71
N ARG C 39 -33.42 0.46 7.66
CA ARG C 39 -34.70 0.13 7.03
C ARG C 39 -34.50 -0.34 5.61
N ILE C 40 -33.76 0.44 4.82
CA ILE C 40 -33.50 0.11 3.43
C ILE C 40 -32.75 -1.21 3.32
N GLY C 41 -31.75 -1.39 4.17
CA GLY C 41 -30.99 -2.63 4.14
C GLY C 41 -31.85 -3.86 4.37
N LEU C 42 -32.78 -3.78 5.31
CA LEU C 42 -33.66 -4.89 5.60
C LEU C 42 -34.65 -5.12 4.46
N MET C 43 -35.08 -4.03 3.81
CA MET C 43 -36.01 -4.15 2.69
C MET C 43 -35.33 -4.86 1.51
N MET C 44 -34.06 -4.52 1.26
CA MET C 44 -33.31 -5.14 0.17
C MET C 44 -32.99 -6.59 0.50
N GLU C 45 -32.64 -6.85 1.76
CA GLU C 45 -32.36 -8.22 2.19
C GLU C 45 -33.60 -9.06 1.88
N GLU C 46 -34.75 -8.59 2.38
CA GLU C 46 -36.02 -9.25 2.17
C GLU C 46 -36.15 -9.65 0.71
N MET C 47 -35.99 -8.68 -0.19
CA MET C 47 -36.11 -8.94 -1.63
C MET C 47 -35.11 -9.95 -2.15
N ILE C 48 -33.90 -9.96 -1.60
CA ILE C 48 -32.89 -10.89 -2.06
C ILE C 48 -33.29 -12.31 -1.69
N PHE C 49 -33.33 -12.59 -0.39
CA PHE C 49 -33.70 -13.91 0.10
C PHE C 49 -35.06 -14.34 -0.44
N ASN C 50 -35.92 -13.38 -0.70
CA ASN C 50 -37.24 -13.71 -1.21
C ASN C 50 -37.20 -14.13 -2.68
N LEU C 51 -36.41 -13.43 -3.48
CA LEU C 51 -36.28 -13.77 -4.89
C LEU C 51 -35.59 -15.11 -5.02
N ALA C 52 -34.66 -15.38 -4.10
CA ALA C 52 -33.91 -16.64 -4.12
C ALA C 52 -34.81 -17.84 -3.85
N ASP C 53 -35.63 -17.75 -2.81
CA ASP C 53 -36.53 -18.85 -2.47
C ASP C 53 -37.60 -19.09 -3.54
N THR C 54 -38.11 -18.00 -4.09
CA THR C 54 -39.17 -18.05 -5.09
C THR C 54 -38.79 -18.43 -6.51
N HIS C 55 -37.58 -18.12 -6.96
CA HIS C 55 -37.23 -18.45 -8.33
C HIS C 55 -35.87 -19.14 -8.46
N LEU C 56 -35.17 -19.31 -7.35
CA LEU C 56 -33.85 -19.93 -7.42
C LEU C 56 -33.68 -21.14 -6.51
N PHE C 57 -34.78 -21.80 -6.19
CA PHE C 57 -34.77 -22.99 -5.34
C PHE C 57 -33.85 -22.85 -4.13
N PHE C 58 -33.80 -21.67 -3.53
CA PHE C 58 -32.90 -21.51 -2.40
C PHE C 58 -33.22 -22.44 -1.23
N ASN C 59 -34.49 -22.67 -0.96
CA ASN C 59 -34.83 -23.54 0.15
C ASN C 59 -34.38 -24.97 -0.12
N ASP C 60 -34.04 -25.27 -1.36
CA ASP C 60 -33.57 -26.59 -1.73
C ASP C 60 -32.03 -26.61 -1.79
N LEU C 61 -31.46 -25.62 -2.46
CA LEU C 61 -30.02 -25.54 -2.63
C LEU C 61 -29.21 -24.86 -1.53
N GLU C 62 -29.87 -24.37 -0.49
CA GLU C 62 -29.14 -23.66 0.56
C GLU C 62 -28.01 -24.44 1.25
N ASP C 63 -28.31 -25.64 1.73
CA ASP C 63 -27.29 -26.43 2.43
C ASP C 63 -26.45 -27.35 1.56
N CYS C 64 -26.16 -26.90 0.35
CA CYS C 64 -25.34 -27.67 -0.58
C CYS C 64 -24.88 -26.75 -1.69
N ASP C 65 -24.97 -25.45 -1.44
CA ASP C 65 -24.56 -24.44 -2.41
C ASP C 65 -23.22 -24.78 -3.05
N GLN C 66 -23.19 -24.68 -4.38
CA GLN C 66 -21.98 -24.96 -5.17
C GLN C 66 -21.10 -23.73 -5.21
N ILE C 67 -19.97 -23.86 -5.90
CA ILE C 67 -19.01 -22.77 -6.06
C ILE C 67 -19.32 -22.03 -7.36
N HIS C 68 -19.79 -22.78 -8.35
CA HIS C 68 -20.09 -22.25 -9.67
C HIS C 68 -21.34 -22.95 -10.18
N VAL C 69 -22.11 -22.28 -11.04
CA VAL C 69 -23.36 -22.85 -11.56
C VAL C 69 -23.23 -24.16 -12.37
N ASP C 70 -22.12 -24.33 -13.08
CA ASP C 70 -21.91 -25.53 -13.88
C ASP C 70 -21.15 -26.65 -13.15
N ASP C 71 -21.04 -26.56 -11.84
CA ASP C 71 -20.29 -27.56 -11.08
C ASP C 71 -20.88 -28.96 -10.93
N VAL C 72 -22.18 -29.11 -11.17
CA VAL C 72 -22.79 -30.42 -11.06
C VAL C 72 -23.66 -30.73 -12.28
N SER C 73 -23.17 -30.38 -13.46
CA SER C 73 -23.93 -30.61 -14.70
C SER C 73 -23.63 -31.94 -15.37
N SER C 74 -22.62 -32.64 -14.87
CA SER C 74 -22.26 -33.95 -15.44
C SER C 74 -23.36 -34.96 -15.11
N ASP C 75 -24.09 -34.65 -14.04
CA ASP C 75 -25.18 -35.48 -13.56
C ASP C 75 -26.51 -35.00 -14.16
N ASP C 76 -26.51 -34.79 -15.48
CA ASP C 76 -27.69 -34.31 -16.20
C ASP C 76 -27.81 -35.03 -17.54
N ASN C 77 -28.59 -34.46 -18.46
CA ASN C 77 -28.78 -35.05 -19.77
C ASN C 77 -29.30 -34.04 -20.81
N GLY C 78 -29.16 -32.75 -20.52
CA GLY C 78 -29.61 -31.72 -21.44
C GLY C 78 -31.08 -31.79 -21.83
N GLN C 79 -31.90 -32.22 -20.88
CA GLN C 79 -33.34 -32.36 -21.09
C GLN C 79 -34.13 -31.07 -20.83
N ASP C 80 -35.15 -30.83 -21.64
CA ASP C 80 -36.01 -29.65 -21.50
C ASP C 80 -36.48 -29.51 -20.05
N LEU C 81 -36.69 -28.27 -19.62
CA LEU C 81 -37.13 -28.04 -18.24
C LEU C 81 -38.33 -27.09 -18.16
N SER C 82 -38.79 -26.63 -19.32
CA SER C 82 -39.93 -25.73 -19.38
C SER C 82 -41.15 -26.52 -18.94
N THR C 83 -41.02 -27.84 -19.06
CA THR C 83 -42.10 -28.76 -18.72
C THR C 83 -41.90 -29.45 -17.37
N TYR C 84 -40.68 -29.89 -17.10
CA TYR C 84 -40.36 -30.58 -15.85
C TYR C 84 -40.94 -29.87 -14.64
N ASN C 85 -41.59 -30.63 -13.77
CA ASN C 85 -42.19 -30.10 -12.56
C ASN C 85 -41.27 -30.37 -11.36
N PHE C 86 -40.70 -29.30 -10.80
CA PHE C 86 -39.78 -29.43 -9.68
C PHE C 86 -40.44 -29.63 -8.32
N SER C 87 -41.59 -28.99 -8.10
CA SER C 87 -42.30 -29.12 -6.83
C SER C 87 -42.49 -30.60 -6.49
N ALA C 88 -43.05 -31.35 -7.44
CA ALA C 88 -43.29 -32.77 -7.27
C ALA C 88 -42.25 -33.60 -8.02
N ASP C 89 -41.10 -33.79 -7.38
CA ASP C 89 -40.00 -34.58 -7.95
C ASP C 89 -39.24 -35.23 -6.80
N GLY C 90 -39.70 -34.96 -5.58
CA GLY C 90 -39.07 -35.52 -4.39
C GLY C 90 -37.56 -35.35 -4.40
N PHE C 91 -37.09 -34.16 -4.06
CA PHE C 91 -35.65 -33.87 -4.03
C PHE C 91 -35.09 -33.71 -2.62
N HIS C 92 -35.59 -32.71 -1.89
CA HIS C 92 -35.17 -32.41 -0.51
C HIS C 92 -33.66 -32.55 -0.22
N GLY C 108 -30.67 -40.63 -1.41
CA GLY C 108 -29.92 -41.11 -2.61
C GLY C 108 -28.75 -40.22 -3.01
N GLY C 109 -28.16 -40.50 -4.15
CA GLY C 109 -27.03 -39.70 -4.63
C GLY C 109 -26.64 -39.95 -6.07
N VAL C 110 -27.60 -40.38 -6.89
CA VAL C 110 -27.34 -40.64 -8.31
C VAL C 110 -28.50 -40.10 -9.13
N ASP C 111 -29.70 -40.52 -8.76
CA ASP C 111 -30.92 -40.09 -9.43
C ASP C 111 -31.30 -38.78 -8.75
N TRP C 112 -30.57 -38.48 -7.68
CA TRP C 112 -30.76 -37.26 -6.89
C TRP C 112 -29.93 -36.17 -7.56
N MET C 113 -28.67 -36.49 -7.86
CA MET C 113 -27.76 -35.57 -8.51
C MET C 113 -28.38 -35.00 -9.78
N ARG C 114 -29.23 -35.78 -10.44
CA ARG C 114 -29.86 -35.31 -11.67
C ARG C 114 -30.92 -34.26 -11.33
N LYS C 115 -31.54 -34.39 -10.16
CA LYS C 115 -32.55 -33.45 -9.71
C LYS C 115 -31.89 -32.16 -9.21
N LEU C 116 -30.68 -32.30 -8.69
CA LEU C 116 -29.91 -31.17 -8.19
C LEU C 116 -29.45 -30.36 -9.40
N ALA C 117 -28.75 -31.04 -10.30
CA ALA C 117 -28.23 -30.42 -11.52
C ALA C 117 -29.35 -29.78 -12.34
N PHE C 118 -30.52 -30.41 -12.31
CA PHE C 118 -31.68 -29.88 -13.04
C PHE C 118 -32.05 -28.50 -12.51
N ARG C 119 -31.76 -28.26 -11.23
CA ARG C 119 -32.08 -26.97 -10.64
C ARG C 119 -31.10 -25.92 -11.10
N TYR C 120 -29.81 -26.21 -10.95
CA TYR C 120 -28.79 -25.27 -11.37
C TYR C 120 -28.89 -24.94 -12.84
N ARG C 121 -29.45 -25.87 -13.64
CA ARG C 121 -29.60 -25.59 -15.06
C ARG C 121 -30.80 -24.67 -15.24
N ARG C 122 -31.84 -24.86 -14.43
CA ARG C 122 -33.03 -24.02 -14.53
C ARG C 122 -32.67 -22.60 -14.08
N VAL C 123 -31.88 -22.51 -13.00
CA VAL C 123 -31.43 -21.23 -12.47
C VAL C 123 -30.61 -20.50 -13.53
N LYS C 124 -29.72 -21.22 -14.19
CA LYS C 124 -28.90 -20.64 -15.23
C LYS C 124 -29.79 -20.04 -16.31
N GLU C 125 -30.93 -20.69 -16.56
CA GLU C 125 -31.87 -20.22 -17.58
C GLU C 125 -32.63 -18.99 -17.08
N MET C 126 -33.11 -19.07 -15.85
CA MET C 126 -33.84 -17.95 -15.24
C MET C 126 -33.00 -16.69 -15.36
N TYR C 127 -31.76 -16.80 -14.88
CA TYR C 127 -30.80 -15.72 -14.91
C TYR C 127 -30.64 -15.17 -16.32
N ASN C 128 -30.43 -16.06 -17.27
CA ASN C 128 -30.22 -15.67 -18.65
C ASN C 128 -31.38 -15.00 -19.35
N THR C 129 -32.61 -15.38 -19.01
CA THR C 129 -33.75 -14.77 -19.68
C THR C 129 -34.25 -13.53 -18.93
N TYR C 130 -33.86 -13.40 -17.67
CA TYR C 130 -34.29 -12.26 -16.88
C TYR C 130 -33.18 -11.29 -16.43
N LYS C 131 -31.95 -11.50 -16.91
CA LYS C 131 -30.85 -10.63 -16.51
C LYS C 131 -31.18 -9.18 -16.83
N ASN C 132 -31.97 -8.96 -17.88
CA ASN C 132 -32.35 -7.61 -18.29
C ASN C 132 -33.85 -7.39 -18.22
N ASN C 133 -34.51 -8.14 -17.35
CA ASN C 133 -35.94 -8.00 -17.17
C ASN C 133 -36.29 -8.50 -15.77
N VAL C 134 -35.49 -8.03 -14.80
CA VAL C 134 -35.68 -8.42 -13.42
C VAL C 134 -37.09 -8.05 -12.97
N GLY C 135 -37.61 -6.97 -13.55
CA GLY C 135 -38.95 -6.53 -13.19
C GLY C 135 -39.99 -7.54 -13.64
N GLY C 136 -39.72 -8.20 -14.77
CA GLY C 136 -40.64 -9.21 -15.27
C GLY C 136 -40.63 -10.42 -14.36
N LEU C 137 -39.44 -10.78 -13.88
CA LEU C 137 -39.26 -11.92 -12.99
C LEU C 137 -39.87 -11.69 -11.62
N ILE C 138 -39.54 -10.55 -11.02
CA ILE C 138 -40.05 -10.20 -9.71
C ILE C 138 -41.56 -10.08 -9.76
N GLY C 139 -42.07 -9.49 -10.85
CA GLY C 139 -43.49 -9.32 -11.05
C GLY C 139 -44.22 -8.38 -10.10
N THR C 140 -45.14 -7.60 -10.65
CA THR C 140 -45.94 -6.65 -9.88
C THR C 140 -46.61 -7.36 -8.70
N PRO C 141 -46.73 -6.68 -7.54
CA PRO C 141 -46.32 -5.31 -7.23
C PRO C 141 -44.90 -5.17 -6.68
N LYS C 142 -44.10 -6.21 -6.78
CA LYS C 142 -42.74 -6.14 -6.27
C LYS C 142 -41.83 -5.25 -7.13
N ARG C 143 -42.11 -5.16 -8.43
CA ARG C 143 -41.30 -4.33 -9.31
C ARG C 143 -41.31 -2.87 -8.88
N GLU C 144 -42.48 -2.37 -8.55
CA GLU C 144 -42.64 -0.98 -8.12
C GLU C 144 -41.86 -0.70 -6.85
N THR C 145 -42.10 -1.49 -5.80
CA THR C 145 -41.38 -1.27 -4.56
C THR C 145 -39.87 -1.48 -4.79
N TRP C 146 -39.53 -2.29 -5.77
CA TRP C 146 -38.13 -2.56 -6.09
C TRP C 146 -37.47 -1.31 -6.71
N LEU C 147 -38.16 -0.67 -7.65
CA LEU C 147 -37.61 0.52 -8.27
C LEU C 147 -37.53 1.69 -7.28
N GLN C 148 -38.42 1.73 -6.32
CA GLN C 148 -38.42 2.76 -5.30
C GLN C 148 -37.29 2.52 -4.30
N LEU C 149 -37.07 1.25 -3.98
CA LEU C 149 -36.02 0.87 -3.05
C LEU C 149 -34.66 1.28 -3.63
N ARG C 150 -34.44 0.92 -4.90
CA ARG C 150 -33.21 1.26 -5.61
C ARG C 150 -32.95 2.75 -5.59
N ALA C 151 -34.04 3.51 -5.74
CA ALA C 151 -33.94 4.97 -5.75
C ALA C 151 -33.45 5.50 -4.41
N GLU C 152 -33.99 4.99 -3.31
CA GLU C 152 -33.58 5.44 -1.98
C GLU C 152 -32.14 5.03 -1.71
N LEU C 153 -31.78 3.86 -2.21
CA LEU C 153 -30.45 3.33 -2.03
C LEU C 153 -29.41 4.20 -2.73
N GLU C 154 -29.65 4.51 -4.00
CA GLU C 154 -28.71 5.33 -4.75
C GLU C 154 -28.54 6.70 -4.08
N ALA C 155 -29.59 7.17 -3.43
CA ALA C 155 -29.54 8.46 -2.76
C ALA C 155 -28.75 8.35 -1.46
N LEU C 156 -29.06 7.35 -0.65
CA LEU C 156 -28.38 7.20 0.62
C LEU C 156 -26.90 6.86 0.48
N THR C 157 -26.56 6.15 -0.60
CA THR C 157 -25.18 5.74 -0.85
C THR C 157 -24.44 6.67 -1.81
N ASP C 158 -25.01 7.84 -2.06
CA ASP C 158 -24.37 8.82 -2.95
C ASP C 158 -23.89 8.29 -4.30
N LEU C 159 -24.76 7.54 -4.97
CA LEU C 159 -24.49 6.99 -6.29
C LEU C 159 -23.32 5.98 -6.36
N TRP C 160 -23.18 5.15 -5.35
CA TRP C 160 -22.10 4.17 -5.34
C TRP C 160 -22.22 3.21 -6.54
N LEU C 161 -23.40 2.63 -6.72
CA LEU C 161 -23.64 1.71 -7.82
C LEU C 161 -23.34 2.37 -9.18
N THR C 162 -23.74 3.63 -9.33
CA THR C 162 -23.46 4.34 -10.57
C THR C 162 -21.96 4.39 -10.85
N HIS C 163 -21.16 4.57 -9.79
CA HIS C 163 -19.72 4.62 -9.92
C HIS C 163 -19.12 3.28 -10.29
N SER C 164 -19.51 2.23 -9.58
CA SER C 164 -18.98 0.92 -9.87
C SER C 164 -19.39 0.50 -11.28
N LEU C 165 -20.65 0.75 -11.64
CA LEU C 165 -21.10 0.40 -12.98
C LEU C 165 -20.26 1.04 -14.09
N LYS C 166 -19.86 2.29 -13.89
CA LYS C 166 -19.06 2.96 -14.92
C LYS C 166 -17.79 2.16 -15.20
N ALA C 167 -17.29 1.47 -14.19
CA ALA C 167 -16.10 0.67 -14.36
C ALA C 167 -16.47 -0.65 -15.02
N LEU C 168 -17.46 -1.33 -14.46
CA LEU C 168 -17.89 -2.61 -15.01
C LEU C 168 -18.23 -2.51 -16.50
N ASN C 169 -19.01 -1.50 -16.86
CA ASN C 169 -19.40 -1.32 -18.25
C ASN C 169 -18.23 -1.04 -19.19
N LEU C 170 -17.22 -0.31 -18.72
CA LEU C 170 -16.08 -0.01 -19.55
C LEU C 170 -15.27 -1.28 -19.79
N ILE C 171 -15.15 -2.12 -18.76
CA ILE C 171 -14.41 -3.38 -18.86
C ILE C 171 -15.15 -4.28 -19.85
N ASN C 172 -16.47 -4.25 -19.80
CA ASN C 172 -17.28 -5.06 -20.68
C ASN C 172 -17.18 -4.65 -22.14
N SER C 173 -17.32 -3.36 -22.41
CA SER C 173 -17.25 -2.85 -23.76
C SER C 173 -15.88 -3.05 -24.40
N ARG C 174 -14.81 -2.91 -23.61
CA ARG C 174 -13.48 -3.12 -24.16
C ARG C 174 -13.34 -4.57 -24.56
N PRO C 175 -12.83 -4.81 -25.77
CA PRO C 175 -12.62 -6.14 -26.37
C PRO C 175 -11.75 -7.14 -25.63
N ASN C 176 -10.62 -6.70 -25.07
CA ASN C 176 -9.72 -7.62 -24.38
C ASN C 176 -9.77 -7.57 -22.86
N CYS C 177 -10.96 -7.33 -22.31
CA CYS C 177 -11.15 -7.25 -20.86
C CYS C 177 -12.37 -8.04 -20.42
N VAL C 178 -12.25 -8.77 -19.32
CA VAL C 178 -13.33 -9.59 -18.82
C VAL C 178 -13.68 -9.38 -17.35
N ASN C 179 -14.97 -9.45 -17.04
CA ASN C 179 -15.44 -9.30 -15.67
C ASN C 179 -15.68 -10.65 -15.05
N VAL C 180 -15.13 -10.85 -13.86
CA VAL C 180 -15.31 -12.08 -13.12
C VAL C 180 -15.72 -11.64 -11.71
N LEU C 181 -16.61 -12.38 -11.07
CA LEU C 181 -17.05 -12.02 -9.73
C LEU C 181 -16.71 -13.13 -8.72
N VAL C 182 -16.17 -12.74 -7.57
CA VAL C 182 -15.85 -13.69 -6.51
C VAL C 182 -16.40 -13.08 -5.23
N THR C 183 -17.40 -13.74 -4.64
CA THR C 183 -18.02 -13.25 -3.42
C THR C 183 -18.15 -14.32 -2.35
N THR C 184 -18.10 -13.90 -1.09
CA THR C 184 -18.23 -14.83 0.02
C THR C 184 -19.71 -15.14 0.19
N THR C 185 -20.54 -14.43 -0.56
CA THR C 185 -21.99 -14.65 -0.52
C THR C 185 -22.28 -16.02 -1.15
N GLN C 186 -23.29 -16.72 -0.65
CA GLN C 186 -23.61 -18.03 -1.22
C GLN C 186 -24.15 -17.81 -2.63
N LEU C 187 -23.69 -18.65 -3.57
CA LEU C 187 -24.06 -18.55 -4.98
C LEU C 187 -25.50 -18.19 -5.31
N ILE C 188 -26.47 -18.94 -4.81
CA ILE C 188 -27.85 -18.60 -5.13
C ILE C 188 -28.19 -17.17 -4.71
N PRO C 189 -27.99 -16.82 -3.42
CA PRO C 189 -28.30 -15.46 -3.00
C PRO C 189 -27.48 -14.42 -3.79
N ALA C 190 -26.26 -14.79 -4.16
CA ALA C 190 -25.41 -13.89 -4.93
C ALA C 190 -26.06 -13.55 -6.28
N LEU C 191 -26.54 -14.56 -6.99
CA LEU C 191 -27.18 -14.34 -8.28
C LEU C 191 -28.40 -13.43 -8.08
N ALA C 192 -29.12 -13.66 -6.99
CA ALA C 192 -30.29 -12.86 -6.68
C ALA C 192 -29.81 -11.42 -6.47
N LYS C 193 -28.75 -11.31 -5.68
CA LYS C 193 -28.13 -10.02 -5.35
C LYS C 193 -27.65 -9.34 -6.64
N VAL C 194 -27.02 -10.12 -7.52
CA VAL C 194 -26.53 -9.60 -8.78
C VAL C 194 -27.69 -9.16 -9.67
N LEU C 195 -28.82 -9.87 -9.59
CA LEU C 195 -29.97 -9.51 -10.41
C LEU C 195 -30.62 -8.24 -9.89
N LEU C 196 -30.93 -8.22 -8.59
CA LEU C 196 -31.59 -7.06 -7.99
C LEU C 196 -30.77 -5.77 -8.04
N TYR C 197 -29.46 -5.89 -8.27
CA TYR C 197 -28.64 -4.70 -8.35
C TYR C 197 -28.29 -4.30 -9.78
N GLY C 198 -28.96 -4.91 -10.75
CA GLY C 198 -28.73 -4.60 -12.14
C GLY C 198 -27.40 -5.05 -12.70
N LEU C 199 -26.77 -5.98 -12.02
CA LEU C 199 -25.47 -6.48 -12.45
C LEU C 199 -25.57 -7.70 -13.35
N GLY C 200 -26.79 -8.15 -13.58
CA GLY C 200 -27.00 -9.31 -14.42
C GLY C 200 -26.48 -9.08 -15.82
N SER C 201 -26.60 -7.83 -16.26
CA SER C 201 -26.17 -7.44 -17.59
C SER C 201 -24.65 -7.38 -17.81
N VAL C 202 -23.87 -7.21 -16.75
CA VAL C 202 -22.42 -7.12 -16.90
C VAL C 202 -21.68 -8.39 -16.54
N PHE C 203 -22.33 -9.26 -15.76
CA PHE C 203 -21.72 -10.52 -15.36
C PHE C 203 -22.39 -11.75 -15.96
N PRO C 204 -21.71 -12.42 -16.92
CA PRO C 204 -22.33 -13.61 -17.50
C PRO C 204 -22.37 -14.70 -16.42
N ILE C 205 -23.52 -15.34 -16.27
CA ILE C 205 -23.71 -16.38 -15.25
C ILE C 205 -22.50 -17.28 -14.95
N GLU C 206 -21.73 -17.65 -15.97
CA GLU C 206 -20.56 -18.50 -15.75
C GLU C 206 -19.29 -17.82 -15.29
N ASN C 207 -19.39 -16.58 -14.84
CA ASN C 207 -18.22 -15.86 -14.36
C ASN C 207 -18.38 -15.50 -12.89
N ILE C 208 -19.38 -16.06 -12.25
CA ILE C 208 -19.66 -15.80 -10.84
C ILE C 208 -19.17 -16.96 -10.00
N TYR C 209 -18.33 -16.66 -9.01
CA TYR C 209 -17.80 -17.68 -8.11
C TYR C 209 -18.12 -17.40 -6.65
N SER C 210 -18.67 -18.40 -5.98
CA SER C 210 -19.02 -18.28 -4.57
C SER C 210 -17.88 -18.91 -3.77
N ALA C 211 -17.29 -18.15 -2.85
CA ALA C 211 -16.18 -18.67 -2.06
C ALA C 211 -16.55 -18.92 -0.61
N THR C 212 -17.84 -19.16 -0.37
CA THR C 212 -18.33 -19.40 0.99
C THR C 212 -17.63 -20.57 1.67
N LYS C 213 -17.33 -21.61 0.90
CA LYS C 213 -16.67 -22.79 1.44
C LYS C 213 -15.19 -22.91 1.13
N THR C 214 -14.83 -22.98 -0.14
CA THR C 214 -13.42 -23.14 -0.51
C THR C 214 -12.54 -21.92 -0.28
N GLY C 215 -13.17 -20.78 -0.01
CA GLY C 215 -12.40 -19.57 0.22
C GLY C 215 -12.03 -18.89 -1.08
N LYS C 216 -11.66 -17.61 -0.99
CA LYS C 216 -11.31 -16.84 -2.16
C LYS C 216 -9.98 -17.24 -2.79
N GLU C 217 -9.07 -17.78 -1.99
CA GLU C 217 -7.77 -18.17 -2.52
C GLU C 217 -7.90 -19.25 -3.59
N SER C 218 -8.63 -20.32 -3.28
CA SER C 218 -8.79 -21.39 -4.25
C SER C 218 -9.60 -20.97 -5.46
N CYS C 219 -10.45 -19.95 -5.29
CA CYS C 219 -11.24 -19.45 -6.41
C CYS C 219 -10.35 -18.70 -7.39
N PHE C 220 -9.37 -17.98 -6.87
CA PHE C 220 -8.48 -17.22 -7.73
C PHE C 220 -7.61 -18.17 -8.56
N GLU C 221 -7.26 -19.30 -7.98
CA GLU C 221 -6.45 -20.29 -8.66
C GLU C 221 -7.25 -20.92 -9.81
N ARG C 222 -8.51 -21.23 -9.52
CA ARG C 222 -9.40 -21.82 -10.52
C ARG C 222 -9.66 -20.84 -11.66
N ILE C 223 -9.71 -19.55 -11.34
CA ILE C 223 -9.95 -18.54 -12.36
C ILE C 223 -8.71 -18.39 -13.25
N MET C 224 -7.52 -18.43 -12.63
CA MET C 224 -6.29 -18.31 -13.41
C MET C 224 -6.08 -19.56 -14.24
N GLN C 225 -6.52 -20.70 -13.70
CA GLN C 225 -6.39 -21.97 -14.38
C GLN C 225 -7.29 -21.95 -15.61
N ARG C 226 -8.39 -21.21 -15.52
CA ARG C 226 -9.34 -21.12 -16.61
C ARG C 226 -8.94 -20.12 -17.70
N PHE C 227 -8.56 -18.90 -17.32
CA PHE C 227 -8.21 -17.89 -18.31
C PHE C 227 -6.79 -17.90 -18.87
N GLY C 228 -5.88 -18.62 -18.22
CA GLY C 228 -4.53 -18.68 -18.75
C GLY C 228 -3.52 -17.99 -17.88
N ARG C 229 -2.24 -18.13 -18.24
CA ARG C 229 -1.17 -17.51 -17.48
C ARG C 229 -0.60 -16.33 -18.24
N LYS C 230 -1.11 -16.13 -19.46
CA LYS C 230 -0.69 -15.06 -20.34
C LYS C 230 -1.56 -13.83 -20.06
N ALA C 231 -2.66 -14.05 -19.37
CA ALA C 231 -3.60 -12.98 -19.03
C ALA C 231 -3.13 -12.19 -17.80
N VAL C 232 -3.45 -10.90 -17.76
CA VAL C 232 -3.08 -10.05 -16.64
C VAL C 232 -4.29 -9.88 -15.73
N TYR C 233 -4.17 -10.37 -14.51
CA TYR C 233 -5.25 -10.31 -13.54
C TYR C 233 -5.15 -9.13 -12.59
N VAL C 234 -6.31 -8.69 -12.12
CA VAL C 234 -6.42 -7.58 -11.18
C VAL C 234 -7.54 -7.96 -10.22
N VAL C 235 -7.21 -8.14 -8.95
CA VAL C 235 -8.23 -8.46 -7.96
C VAL C 235 -8.68 -7.14 -7.36
N ILE C 236 -9.99 -6.92 -7.36
CA ILE C 236 -10.57 -5.69 -6.87
C ILE C 236 -11.47 -5.96 -5.67
N GLY C 237 -11.18 -5.31 -4.55
CA GLY C 237 -12.01 -5.54 -3.38
C GLY C 237 -11.78 -4.61 -2.22
N ASP C 238 -12.68 -4.70 -1.25
CA ASP C 238 -12.65 -3.86 -0.06
C ASP C 238 -12.14 -4.66 1.13
N GLY C 239 -12.18 -5.98 1.01
CA GLY C 239 -11.78 -6.85 2.10
C GLY C 239 -10.41 -7.49 2.06
N VAL C 240 -9.97 -7.91 3.24
CA VAL C 240 -8.66 -8.52 3.43
C VAL C 240 -8.52 -9.89 2.78
N GLU C 241 -9.53 -10.76 2.93
CA GLU C 241 -9.47 -12.10 2.37
C GLU C 241 -9.07 -12.04 0.90
N GLU C 242 -9.68 -11.12 0.18
CA GLU C 242 -9.43 -10.91 -1.23
C GLU C 242 -7.99 -10.41 -1.46
N GLU C 243 -7.56 -9.48 -0.62
CA GLU C 243 -6.21 -8.93 -0.74
C GLU C 243 -5.13 -9.98 -0.43
N GLN C 244 -5.33 -10.73 0.66
CA GLN C 244 -4.39 -11.76 1.06
C GLN C 244 -4.28 -12.80 -0.05
N GLY C 245 -5.43 -13.16 -0.61
CA GLY C 245 -5.45 -14.14 -1.67
C GLY C 245 -4.68 -13.67 -2.89
N ALA C 246 -4.75 -12.38 -3.19
CA ALA C 246 -4.05 -11.83 -4.34
C ALA C 246 -2.55 -11.90 -4.12
N LYS C 247 -2.12 -11.65 -2.89
CA LYS C 247 -0.70 -11.70 -2.54
C LYS C 247 -0.16 -13.11 -2.71
N LYS C 248 -0.87 -14.08 -2.14
CA LYS C 248 -0.47 -15.48 -2.20
C LYS C 248 -0.25 -15.92 -3.65
N HIS C 249 -1.06 -15.42 -4.56
CA HIS C 249 -0.95 -15.77 -5.97
C HIS C 249 -0.28 -14.71 -6.83
N ASN C 250 0.30 -13.72 -6.17
CA ASN C 250 1.00 -12.63 -6.85
C ASN C 250 0.18 -11.93 -7.93
N MET C 251 -1.07 -11.64 -7.61
CA MET C 251 -1.98 -10.95 -8.52
C MET C 251 -2.14 -9.52 -8.03
N PRO C 252 -1.83 -8.54 -8.89
CA PRO C 252 -1.99 -7.15 -8.41
C PRO C 252 -3.36 -6.93 -7.78
N PHE C 253 -3.39 -6.12 -6.72
CA PHE C 253 -4.62 -5.84 -6.00
C PHE C 253 -4.98 -4.37 -6.01
N TRP C 254 -6.25 -4.10 -6.30
CA TRP C 254 -6.75 -2.75 -6.34
C TRP C 254 -7.81 -2.63 -5.24
N ARG C 255 -7.46 -1.96 -4.13
CA ARG C 255 -8.41 -1.82 -3.03
C ARG C 255 -9.49 -0.78 -3.31
N ILE C 256 -10.70 -1.06 -2.84
CA ILE C 256 -11.82 -0.15 -3.00
C ILE C 256 -12.30 0.23 -1.60
N SER C 257 -12.17 1.51 -1.25
CA SER C 257 -12.61 1.98 0.06
C SER C 257 -13.61 3.11 0.01
N CYS C 258 -13.75 3.72 -1.16
CA CYS C 258 -14.66 4.84 -1.33
C CYS C 258 -14.92 5.09 -2.81
N HIS C 259 -15.80 6.04 -3.12
CA HIS C 259 -16.13 6.35 -4.51
C HIS C 259 -14.90 6.67 -5.34
N ALA C 260 -14.01 7.47 -4.77
CA ALA C 260 -12.80 7.89 -5.43
C ALA C 260 -12.00 6.70 -5.98
N ASP C 261 -11.99 5.59 -5.26
CA ASP C 261 -11.24 4.43 -5.71
C ASP C 261 -11.86 3.81 -6.97
N LEU C 262 -13.19 3.82 -7.04
CA LEU C 262 -13.87 3.29 -8.21
C LEU C 262 -13.59 4.24 -9.37
N GLU C 263 -13.48 5.53 -9.09
CA GLU C 263 -13.20 6.53 -10.13
C GLU C 263 -11.78 6.40 -10.69
N ALA C 264 -10.84 6.12 -9.81
CA ALA C 264 -9.45 5.96 -10.22
C ALA C 264 -9.36 4.74 -11.15
N LEU C 265 -10.19 3.72 -10.87
CA LEU C 265 -10.22 2.51 -11.69
C LEU C 265 -10.77 2.81 -13.09
N ARG C 266 -11.88 3.54 -13.13
CA ARG C 266 -12.50 3.90 -14.40
C ARG C 266 -11.52 4.71 -15.24
N HIS C 267 -10.82 5.65 -14.60
CA HIS C 267 -9.86 6.51 -15.30
C HIS C 267 -8.78 5.65 -15.95
N ALA C 268 -8.30 4.65 -15.21
CA ALA C 268 -7.27 3.75 -15.70
C ALA C 268 -7.83 2.98 -16.89
N LEU C 269 -9.08 2.55 -16.78
CA LEU C 269 -9.73 1.79 -17.86
C LEU C 269 -9.93 2.61 -19.13
N GLU C 270 -9.97 3.92 -18.98
CA GLU C 270 -10.20 4.83 -20.11
C GLU C 270 -8.97 5.27 -20.90
N LEU C 271 -7.77 5.05 -20.35
CA LEU C 271 -6.54 5.48 -20.99
C LEU C 271 -5.79 4.44 -21.80
N GLU C 272 -6.13 3.17 -21.57
CA GLU C 272 -5.45 2.06 -22.21
C GLU C 272 -6.15 1.45 -23.42
N TYR C 273 -5.36 1.22 -24.47
CA TYR C 273 -5.86 0.59 -25.70
C TYR C 273 -5.01 -0.66 -25.92
N LEU C 274 -5.65 -1.81 -25.80
CA LEU C 274 -4.99 -3.11 -25.93
C LEU C 274 -5.19 -3.74 -27.30
N GLU D 4 5.11 -16.42 13.53
CA GLU D 4 4.07 -16.72 14.57
C GLU D 4 3.92 -15.59 15.58
N ARG D 5 2.73 -15.00 15.61
CA ARG D 5 2.43 -13.93 16.57
C ARG D 5 1.04 -14.15 17.15
N VAL D 6 0.92 -13.93 18.45
CA VAL D 6 -0.34 -14.11 19.13
C VAL D 6 -0.76 -12.76 19.69
N PHE D 7 -1.87 -12.23 19.16
CA PHE D 7 -2.35 -10.93 19.62
C PHE D 7 -3.33 -11.14 20.74
N VAL D 8 -2.98 -10.63 21.92
CA VAL D 8 -3.82 -10.74 23.10
C VAL D 8 -4.58 -9.43 23.30
N TRP D 9 -5.82 -9.41 22.80
CA TRP D 9 -6.69 -8.24 22.87
C TRP D 9 -7.53 -8.08 24.14
N ASP D 10 -7.75 -6.84 24.54
CA ASP D 10 -8.65 -6.54 25.65
C ASP D 10 -9.99 -6.32 24.93
N LEU D 11 -11.10 -6.42 25.65
CA LEU D 11 -12.41 -6.25 25.04
C LEU D 11 -12.98 -4.85 25.25
N ASP D 12 -13.33 -4.58 26.49
CA ASP D 12 -13.94 -3.30 26.88
C ASP D 12 -13.03 -2.07 26.71
N GLU D 13 -13.53 -1.12 25.93
CA GLU D 13 -12.84 0.11 25.63
C GLU D 13 -11.51 -0.06 24.89
N THR D 14 -11.37 -1.19 24.19
CA THR D 14 -10.21 -1.45 23.32
C THR D 14 -10.84 -1.84 21.98
N ILE D 15 -11.46 -3.02 21.93
CA ILE D 15 -12.14 -3.46 20.71
C ILE D 15 -13.55 -2.86 20.62
N ILE D 16 -14.24 -2.70 21.75
CA ILE D 16 -15.60 -2.17 21.77
C ILE D 16 -15.84 -1.03 22.77
N ILE D 17 -16.91 -0.29 22.52
CA ILE D 17 -17.31 0.80 23.39
C ILE D 17 -18.64 0.40 23.99
N PHE D 18 -18.66 0.19 25.29
CA PHE D 18 -19.89 -0.21 25.96
C PHE D 18 -19.98 0.31 27.39
N HIS D 19 -19.08 -0.13 28.25
CA HIS D 19 -19.09 0.33 29.63
C HIS D 19 -18.88 1.84 29.74
N SER D 20 -18.08 2.41 28.83
CA SER D 20 -17.83 3.84 28.90
C SER D 20 -19.09 4.65 28.59
N LEU D 21 -20.11 3.99 28.05
CA LEU D 21 -21.37 4.65 27.74
C LEU D 21 -22.21 4.77 29.00
N LEU D 22 -21.95 3.88 29.95
CA LEU D 22 -22.70 3.87 31.21
C LEU D 22 -22.06 4.75 32.28
N THR D 23 -20.74 4.90 32.24
CA THR D 23 -20.02 5.71 33.22
C THR D 23 -19.95 7.19 32.86
N GLY D 24 -20.34 7.51 31.62
CA GLY D 24 -20.27 8.89 31.17
C GLY D 24 -18.91 9.35 30.70
N THR D 25 -17.86 8.52 30.84
CA THR D 25 -16.53 8.95 30.41
C THR D 25 -16.39 9.04 28.89
N PHE D 26 -17.15 8.23 28.16
CA PHE D 26 -17.08 8.29 26.71
C PHE D 26 -17.61 9.63 26.18
N ALA D 27 -18.79 10.01 26.67
CA ALA D 27 -19.39 11.25 26.19
C ALA D 27 -18.53 12.46 26.53
N SER D 28 -17.99 12.49 27.75
CA SER D 28 -17.17 13.62 28.16
C SER D 28 -15.87 13.71 27.38
N ARG D 29 -15.18 12.57 27.22
CA ARG D 29 -13.91 12.56 26.51
C ARG D 29 -14.00 12.83 25.01
N TYR D 30 -15.09 12.40 24.38
CA TYR D 30 -15.24 12.60 22.95
C TYR D 30 -16.22 13.69 22.58
N GLY D 31 -16.73 14.40 23.57
CA GLY D 31 -17.65 15.47 23.28
C GLY D 31 -18.92 15.02 22.58
N LYS D 32 -19.56 13.97 23.09
CA LYS D 32 -20.81 13.49 22.49
C LYS D 32 -21.95 13.75 23.47
N ASP D 33 -23.19 13.67 22.98
CA ASP D 33 -24.34 13.90 23.84
C ASP D 33 -24.38 12.86 24.96
N THR D 34 -24.25 13.31 26.21
CA THR D 34 -24.27 12.40 27.34
C THR D 34 -25.53 11.54 27.43
N THR D 35 -26.69 12.12 27.11
CA THR D 35 -27.95 11.39 27.19
C THR D 35 -28.10 10.31 26.13
N THR D 36 -27.69 10.61 24.92
CA THR D 36 -27.75 9.64 23.84
C THR D 36 -26.83 8.45 24.20
N SER D 37 -25.71 8.77 24.84
CA SER D 37 -24.73 7.75 25.23
C SER D 37 -25.24 6.74 26.24
N VAL D 38 -25.79 7.19 27.37
CA VAL D 38 -26.29 6.23 28.36
C VAL D 38 -27.50 5.49 27.82
N ARG D 39 -28.33 6.17 27.03
CA ARG D 39 -29.52 5.54 26.48
C ARG D 39 -29.11 4.31 25.70
N ILE D 40 -28.16 4.48 24.78
CA ILE D 40 -27.68 3.40 23.96
C ILE D 40 -26.99 2.36 24.83
N GLY D 41 -26.18 2.82 25.77
CA GLY D 41 -25.49 1.91 26.66
C GLY D 41 -26.46 1.04 27.42
N LEU D 42 -27.47 1.65 28.02
CA LEU D 42 -28.47 0.89 28.78
C LEU D 42 -29.19 -0.11 27.88
N MET D 43 -29.53 0.31 26.66
CA MET D 43 -30.21 -0.58 25.73
C MET D 43 -29.33 -1.76 25.33
N MET D 44 -28.02 -1.53 25.16
CA MET D 44 -27.09 -2.60 24.79
C MET D 44 -26.93 -3.54 25.97
N GLU D 45 -26.80 -2.96 27.16
CA GLU D 45 -26.67 -3.75 28.38
C GLU D 45 -27.86 -4.70 28.44
N GLU D 46 -29.04 -4.14 28.21
CA GLU D 46 -30.30 -4.88 28.19
C GLU D 46 -30.21 -6.10 27.27
N MET D 47 -29.74 -5.89 26.05
CA MET D 47 -29.64 -6.98 25.09
C MET D 47 -28.54 -7.96 25.45
N ILE D 48 -27.51 -7.49 26.14
CA ILE D 48 -26.42 -8.37 26.53
C ILE D 48 -26.87 -9.38 27.59
N PHE D 49 -27.32 -8.88 28.74
CA PHE D 49 -27.76 -9.76 29.80
C PHE D 49 -29.07 -10.50 29.53
N ASN D 50 -29.77 -10.10 28.48
CA ASN D 50 -31.01 -10.78 28.13
C ASN D 50 -30.60 -12.00 27.32
N LEU D 51 -29.54 -11.84 26.52
CA LEU D 51 -29.04 -12.94 25.71
C LEU D 51 -28.38 -13.95 26.65
N ALA D 52 -27.67 -13.45 27.65
CA ALA D 52 -27.00 -14.33 28.60
C ALA D 52 -28.04 -15.18 29.33
N ASP D 53 -29.03 -14.52 29.93
CA ASP D 53 -30.10 -15.21 30.66
C ASP D 53 -30.91 -16.19 29.81
N THR D 54 -31.46 -15.70 28.72
CA THR D 54 -32.30 -16.54 27.87
C THR D 54 -31.64 -17.67 27.11
N HIS D 55 -30.39 -17.53 26.71
CA HIS D 55 -29.76 -18.58 25.92
C HIS D 55 -28.43 -19.10 26.42
N LEU D 56 -27.80 -18.44 27.38
CA LEU D 56 -26.50 -18.88 27.84
C LEU D 56 -26.45 -19.30 29.31
N PHE D 57 -27.62 -19.60 29.88
CA PHE D 57 -27.73 -20.05 31.26
C PHE D 57 -27.01 -19.17 32.27
N PHE D 58 -27.06 -17.86 32.08
CA PHE D 58 -26.39 -16.95 33.00
C PHE D 58 -26.91 -17.06 34.44
N ASN D 59 -28.22 -17.24 34.62
CA ASN D 59 -28.76 -17.37 35.97
C ASN D 59 -28.06 -18.53 36.68
N ASP D 60 -27.76 -19.58 35.92
CA ASP D 60 -27.09 -20.76 36.45
C ASP D 60 -25.57 -20.61 36.59
N LEU D 61 -24.96 -19.83 35.69
CA LEU D 61 -23.51 -19.66 35.72
C LEU D 61 -22.99 -18.32 36.27
N GLU D 62 -23.89 -17.37 36.53
CA GLU D 62 -23.50 -16.06 37.05
C GLU D 62 -22.50 -16.16 38.19
N ASP D 63 -22.42 -17.35 38.78
CA ASP D 63 -21.49 -17.64 39.87
C ASP D 63 -20.17 -18.15 39.30
N CYS D 64 -19.80 -19.38 39.65
CA CYS D 64 -18.54 -20.00 39.20
C CYS D 64 -17.78 -19.19 38.14
N ASP D 65 -16.59 -18.71 38.55
CA ASP D 65 -15.75 -17.90 37.68
C ASP D 65 -14.97 -18.73 36.67
N GLN D 66 -15.69 -19.34 35.74
CA GLN D 66 -15.06 -20.15 34.70
C GLN D 66 -14.20 -19.22 33.83
N ILE D 67 -12.96 -19.62 33.59
CA ILE D 67 -12.02 -18.82 32.80
C ILE D 67 -12.18 -19.04 31.30
N HIS D 68 -12.32 -20.31 30.91
CA HIS D 68 -12.41 -20.72 29.52
C HIS D 68 -13.56 -21.70 29.37
N VAL D 69 -14.21 -21.73 28.21
CA VAL D 69 -15.34 -22.62 27.99
C VAL D 69 -15.06 -24.12 28.17
N ASP D 70 -13.86 -24.55 27.82
CA ASP D 70 -13.48 -25.95 27.94
C ASP D 70 -12.79 -26.31 29.25
N ASP D 71 -13.20 -25.70 30.35
CA ASP D 71 -12.58 -25.98 31.65
C ASP D 71 -13.34 -26.97 32.51
N VAL D 72 -14.14 -27.83 31.88
CA VAL D 72 -14.91 -28.84 32.60
C VAL D 72 -15.16 -30.01 31.67
N SER D 73 -14.64 -29.91 30.44
CA SER D 73 -14.80 -30.93 29.40
C SER D 73 -14.67 -32.38 29.90
N SER D 74 -13.91 -32.57 30.98
CA SER D 74 -13.72 -33.90 31.55
C SER D 74 -14.99 -34.45 32.20
N ASP D 75 -15.73 -33.57 32.87
CA ASP D 75 -16.97 -33.96 33.53
C ASP D 75 -18.13 -34.01 32.55
N ASP D 76 -17.93 -34.65 31.40
CA ASP D 76 -18.96 -34.74 30.38
C ASP D 76 -19.22 -36.19 29.94
N ASN D 77 -19.98 -36.35 28.86
CA ASN D 77 -20.32 -37.67 28.33
C ASN D 77 -20.15 -37.68 26.81
N GLY D 78 -20.34 -36.52 26.20
CA GLY D 78 -20.26 -36.42 24.75
C GLY D 78 -21.64 -36.75 24.20
N GLN D 79 -22.60 -36.80 25.12
CA GLN D 79 -23.98 -37.13 24.82
C GLN D 79 -24.75 -35.99 24.15
N ASP D 80 -25.38 -36.28 23.01
CA ASP D 80 -26.15 -35.28 22.26
C ASP D 80 -27.17 -34.55 23.16
N LEU D 81 -26.86 -33.29 23.45
CA LEU D 81 -27.69 -32.46 24.30
C LEU D 81 -28.83 -31.75 23.56
N SER D 82 -28.89 -31.91 22.25
CA SER D 82 -29.94 -31.26 21.46
C SER D 82 -31.32 -31.61 22.01
N THR D 83 -31.39 -32.73 22.73
CA THR D 83 -32.65 -33.20 23.30
C THR D 83 -32.69 -33.10 24.83
N TYR D 84 -31.54 -32.80 25.43
CA TYR D 84 -31.45 -32.67 26.89
C TYR D 84 -32.31 -31.51 27.38
N ASN D 85 -33.02 -31.73 28.49
CA ASN D 85 -33.87 -30.69 29.06
C ASN D 85 -33.18 -30.06 30.26
N PHE D 86 -32.72 -28.83 30.10
CA PHE D 86 -31.99 -28.12 31.16
C PHE D 86 -32.82 -27.58 32.32
N SER D 87 -34.03 -27.10 32.03
CA SER D 87 -34.88 -26.55 33.09
C SER D 87 -35.20 -27.61 34.14
N ALA D 88 -35.20 -28.88 33.73
CA ALA D 88 -35.52 -29.97 34.64
C ALA D 88 -34.37 -30.94 34.93
N ASP D 89 -33.37 -30.47 35.65
CA ASP D 89 -32.23 -31.32 36.04
C ASP D 89 -31.76 -30.89 37.43
N GLY D 90 -32.55 -30.03 38.06
CA GLY D 90 -32.27 -29.54 39.40
C GLY D 90 -30.91 -28.91 39.61
N PHE D 91 -30.43 -28.15 38.63
CA PHE D 91 -29.14 -27.48 38.72
C PHE D 91 -29.26 -26.16 39.48
N HIS D 92 -28.26 -25.85 40.28
CA HIS D 92 -28.26 -24.63 41.09
C HIS D 92 -26.89 -23.93 41.15
N GLY D 108 -23.35 -38.13 42.20
CA GLY D 108 -23.97 -36.87 42.71
C GLY D 108 -23.26 -35.63 42.19
N GLY D 109 -22.16 -35.27 42.85
CA GLY D 109 -21.40 -34.10 42.42
C GLY D 109 -20.87 -34.40 41.04
N VAL D 110 -20.74 -35.70 40.75
CA VAL D 110 -20.25 -36.16 39.47
C VAL D 110 -21.31 -35.78 38.43
N ASP D 111 -22.57 -35.75 38.88
CA ASP D 111 -23.69 -35.39 38.02
C ASP D 111 -23.83 -33.87 37.94
N TRP D 112 -23.48 -33.19 39.02
CA TRP D 112 -23.55 -31.72 39.05
C TRP D 112 -22.51 -31.20 38.05
N MET D 113 -21.28 -31.69 38.19
CA MET D 113 -20.22 -31.29 37.29
C MET D 113 -20.59 -31.68 35.87
N ARG D 114 -21.36 -32.76 35.74
CA ARG D 114 -21.79 -33.22 34.43
C ARG D 114 -22.76 -32.21 33.84
N LYS D 115 -23.63 -31.68 34.69
CA LYS D 115 -24.62 -30.71 34.25
C LYS D 115 -23.94 -29.40 33.86
N LEU D 116 -22.93 -29.01 34.63
CA LEU D 116 -22.20 -27.78 34.37
C LEU D 116 -21.50 -27.86 33.01
N ALA D 117 -20.77 -28.94 32.76
CA ALA D 117 -20.08 -29.11 31.50
C ALA D 117 -21.08 -29.16 30.35
N PHE D 118 -22.29 -29.60 30.66
CA PHE D 118 -23.34 -29.67 29.65
C PHE D 118 -23.74 -28.25 29.28
N ARG D 119 -23.91 -27.41 30.29
CA ARG D 119 -24.26 -26.02 30.07
C ARG D 119 -23.23 -25.36 29.14
N TYR D 120 -21.95 -25.39 29.55
CA TYR D 120 -20.90 -24.78 28.75
C TYR D 120 -20.73 -25.39 27.37
N ARG D 121 -20.98 -26.69 27.21
CA ARG D 121 -20.86 -27.28 25.89
C ARG D 121 -22.01 -26.81 25.01
N ARG D 122 -23.14 -26.52 25.66
CA ARG D 122 -24.34 -26.04 24.98
C ARG D 122 -24.04 -24.62 24.47
N VAL D 123 -23.49 -23.79 25.36
CA VAL D 123 -23.14 -22.42 25.03
C VAL D 123 -22.19 -22.44 23.84
N LYS D 124 -21.19 -23.32 23.90
CA LYS D 124 -20.20 -23.45 22.83
C LYS D 124 -20.79 -23.82 21.47
N GLU D 125 -21.87 -24.60 21.47
CA GLU D 125 -22.53 -24.99 20.22
C GLU D 125 -23.33 -23.82 19.70
N MET D 126 -24.03 -23.14 20.61
CA MET D 126 -24.84 -21.98 20.26
C MET D 126 -23.97 -20.90 19.62
N TYR D 127 -22.85 -20.62 20.26
CA TYR D 127 -21.91 -19.62 19.79
C TYR D 127 -21.44 -19.92 18.38
N ASN D 128 -21.04 -21.17 18.13
CA ASN D 128 -20.53 -21.52 16.81
C ASN D 128 -21.56 -21.60 15.71
N THR D 129 -22.80 -21.91 16.03
CA THR D 129 -23.81 -22.00 14.99
C THR D 129 -24.46 -20.65 14.76
N TYR D 130 -24.40 -19.79 15.77
CA TYR D 130 -25.01 -18.47 15.67
C TYR D 130 -24.07 -17.27 15.56
N LYS D 131 -22.77 -17.51 15.54
CA LYS D 131 -21.83 -16.40 15.44
C LYS D 131 -22.06 -15.54 14.19
N ASN D 132 -22.57 -16.12 13.12
CA ASN D 132 -22.82 -15.37 11.90
C ASN D 132 -24.32 -15.33 11.58
N ASN D 133 -25.13 -15.45 12.62
CA ASN D 133 -26.58 -15.42 12.48
C ASN D 133 -27.18 -15.10 13.85
N VAL D 134 -26.71 -14.01 14.45
CA VAL D 134 -27.17 -13.58 15.76
C VAL D 134 -28.67 -13.40 15.74
N GLY D 135 -29.19 -12.97 14.59
CA GLY D 135 -30.62 -12.77 14.47
C GLY D 135 -31.37 -14.07 14.60
N GLY D 136 -30.79 -15.15 14.09
CA GLY D 136 -31.43 -16.44 14.17
C GLY D 136 -31.52 -16.94 15.59
N LEU D 137 -30.72 -16.35 16.47
CA LEU D 137 -30.67 -16.74 17.87
C LEU D 137 -31.60 -15.93 18.77
N ILE D 138 -31.54 -14.61 18.68
CA ILE D 138 -32.34 -13.75 19.54
C ILE D 138 -33.77 -13.49 19.05
N GLY D 139 -34.06 -13.90 17.82
CA GLY D 139 -35.40 -13.71 17.29
C GLY D 139 -35.54 -12.53 16.35
N THR D 140 -36.56 -12.57 15.49
CA THR D 140 -36.81 -11.53 14.51
C THR D 140 -37.07 -10.12 15.06
N PRO D 141 -38.08 -9.96 15.93
CA PRO D 141 -38.31 -8.61 16.45
C PRO D 141 -37.03 -8.02 17.05
N LYS D 142 -36.40 -8.78 17.95
CA LYS D 142 -35.18 -8.35 18.62
C LYS D 142 -34.02 -8.09 17.66
N ARG D 143 -34.04 -8.73 16.50
CA ARG D 143 -32.95 -8.54 15.55
C ARG D 143 -32.92 -7.10 15.04
N GLU D 144 -34.05 -6.61 14.55
CA GLU D 144 -34.12 -5.26 14.02
C GLU D 144 -33.78 -4.23 15.08
N THR D 145 -34.25 -4.46 16.30
CA THR D 145 -33.95 -3.54 17.39
C THR D 145 -32.45 -3.54 17.64
N TRP D 146 -31.83 -4.71 17.46
CA TRP D 146 -30.40 -4.89 17.66
C TRP D 146 -29.60 -4.20 16.58
N LEU D 147 -30.04 -4.35 15.32
CA LEU D 147 -29.34 -3.73 14.19
C LEU D 147 -29.49 -2.22 14.28
N GLN D 148 -30.69 -1.79 14.62
CA GLN D 148 -30.98 -0.38 14.74
C GLN D 148 -30.11 0.25 15.85
N LEU D 149 -29.89 -0.50 16.92
CA LEU D 149 -29.10 -0.02 18.04
C LEU D 149 -27.61 0.01 17.68
N ARG D 150 -27.14 -1.10 17.10
CA ARG D 150 -25.76 -1.19 16.71
C ARG D 150 -25.39 -0.11 15.71
N ALA D 151 -26.36 0.32 14.92
CA ALA D 151 -26.13 1.37 13.91
C ALA D 151 -25.98 2.75 14.53
N GLU D 152 -26.79 3.07 15.54
CA GLU D 152 -26.65 4.38 16.20
C GLU D 152 -25.29 4.40 16.87
N LEU D 153 -24.96 3.30 17.56
CA LEU D 153 -23.69 3.20 18.25
C LEU D 153 -22.54 3.52 17.29
N GLU D 154 -22.59 2.95 16.08
CA GLU D 154 -21.53 3.20 15.08
C GLU D 154 -21.43 4.67 14.69
N ALA D 155 -22.55 5.37 14.69
CA ALA D 155 -22.55 6.79 14.35
C ALA D 155 -22.01 7.56 15.55
N LEU D 156 -22.50 7.23 16.73
CA LEU D 156 -22.08 7.88 17.97
C LEU D 156 -20.59 7.73 18.25
N THR D 157 -20.06 6.54 17.98
CA THR D 157 -18.65 6.23 18.23
C THR D 157 -17.71 6.46 17.03
N ASP D 158 -18.22 7.06 15.97
CA ASP D 158 -17.41 7.33 14.79
C ASP D 158 -16.65 6.12 14.23
N LEU D 159 -17.34 5.00 14.05
CA LEU D 159 -16.74 3.79 13.47
C LEU D 159 -15.74 3.03 14.32
N TRP D 160 -15.80 3.18 15.64
CA TRP D 160 -14.85 2.47 16.52
C TRP D 160 -14.84 0.96 16.20
N LEU D 161 -15.98 0.30 16.35
CA LEU D 161 -16.07 -1.13 16.09
C LEU D 161 -15.64 -1.48 14.68
N THR D 162 -16.05 -0.68 13.71
CA THR D 162 -15.66 -0.93 12.33
C THR D 162 -14.15 -0.99 12.26
N HIS D 163 -13.49 -0.01 12.88
CA HIS D 163 -12.04 0.06 12.88
C HIS D 163 -11.36 -1.12 13.59
N SER D 164 -11.89 -1.54 14.73
CA SER D 164 -11.26 -2.65 15.43
C SER D 164 -11.48 -3.93 14.65
N LEU D 165 -12.64 -4.07 14.02
CA LEU D 165 -12.91 -5.27 13.22
C LEU D 165 -11.92 -5.38 12.06
N LYS D 166 -11.52 -4.26 11.49
CA LYS D 166 -10.58 -4.27 10.39
C LYS D 166 -9.23 -4.79 10.88
N ALA D 167 -8.81 -4.30 12.04
CA ALA D 167 -7.54 -4.74 12.62
C ALA D 167 -7.60 -6.25 12.85
N LEU D 168 -8.66 -6.70 13.52
CA LEU D 168 -8.82 -8.13 13.81
C LEU D 168 -8.83 -8.97 12.54
N ASN D 169 -9.70 -8.63 11.60
CA ASN D 169 -9.78 -9.37 10.35
C ASN D 169 -8.43 -9.40 9.64
N LEU D 170 -7.67 -8.32 9.75
CA LEU D 170 -6.37 -8.24 9.11
C LEU D 170 -5.44 -9.27 9.73
N ILE D 171 -5.56 -9.44 11.03
CA ILE D 171 -4.74 -10.39 11.77
C ILE D 171 -5.26 -11.81 11.51
N ASN D 172 -6.56 -11.90 11.28
CA ASN D 172 -7.18 -13.18 11.03
C ASN D 172 -6.73 -13.81 9.73
N SER D 173 -6.46 -12.98 8.72
CA SER D 173 -6.06 -13.47 7.41
C SER D 173 -4.56 -13.79 7.29
N ARG D 174 -3.77 -13.36 8.27
CA ARG D 174 -2.34 -13.63 8.25
C ARG D 174 -2.14 -15.08 8.68
N PRO D 175 -1.64 -15.92 7.76
CA PRO D 175 -1.41 -17.34 8.02
C PRO D 175 -0.85 -17.75 9.38
N ASN D 176 0.13 -17.01 9.90
CA ASN D 176 0.73 -17.37 11.18
C ASN D 176 0.46 -16.46 12.36
N CYS D 177 -0.69 -15.81 12.36
CA CYS D 177 -1.06 -14.93 13.47
C CYS D 177 -2.47 -15.26 13.96
N VAL D 178 -2.71 -15.13 15.25
CA VAL D 178 -4.03 -15.43 15.80
C VAL D 178 -4.50 -14.36 16.76
N ASN D 179 -5.82 -14.26 16.90
CA ASN D 179 -6.42 -13.30 17.81
C ASN D 179 -6.89 -14.03 19.05
N VAL D 180 -6.54 -13.51 20.21
CA VAL D 180 -6.93 -14.07 21.49
C VAL D 180 -7.55 -12.94 22.30
N LEU D 181 -8.58 -13.25 23.07
CA LEU D 181 -9.26 -12.23 23.86
C LEU D 181 -9.12 -12.46 25.36
N VAL D 182 -8.87 -11.36 26.10
CA VAL D 182 -8.76 -11.43 27.55
C VAL D 182 -9.49 -10.24 28.13
N THR D 183 -10.55 -10.51 28.90
CA THR D 183 -11.35 -9.45 29.48
C THR D 183 -11.72 -9.67 30.95
N THR D 184 -11.88 -8.56 31.67
CA THR D 184 -12.28 -8.61 33.06
C THR D 184 -13.73 -9.08 33.15
N THR D 185 -14.47 -8.95 32.05
CA THR D 185 -15.87 -9.37 32.01
C THR D 185 -15.95 -10.87 32.28
N GLN D 186 -17.01 -11.31 32.96
CA GLN D 186 -17.19 -12.73 33.23
C GLN D 186 -17.37 -13.45 31.89
N LEU D 187 -16.96 -14.72 31.83
CA LEU D 187 -17.04 -15.50 30.60
C LEU D 187 -18.36 -15.46 29.84
N ILE D 188 -19.47 -15.77 30.51
CA ILE D 188 -20.77 -15.77 29.83
C ILE D 188 -21.15 -14.38 29.29
N PRO D 189 -21.13 -13.34 30.15
CA PRO D 189 -21.48 -12.02 29.63
C PRO D 189 -20.54 -11.66 28.46
N ALA D 190 -19.27 -12.03 28.60
CA ALA D 190 -18.27 -11.76 27.57
C ALA D 190 -18.68 -12.36 26.23
N LEU D 191 -19.12 -13.62 26.24
CA LEU D 191 -19.56 -14.27 25.02
C LEU D 191 -20.80 -13.57 24.48
N ALA D 192 -21.61 -13.00 25.37
CA ALA D 192 -22.81 -12.31 24.91
C ALA D 192 -22.41 -11.02 24.19
N LYS D 193 -21.45 -10.30 24.77
CA LYS D 193 -20.98 -9.06 24.18
C LYS D 193 -20.36 -9.34 22.82
N VAL D 194 -19.50 -10.35 22.77
CA VAL D 194 -18.82 -10.71 21.52
C VAL D 194 -19.80 -11.05 20.39
N LEU D 195 -20.89 -11.75 20.72
CA LEU D 195 -21.86 -12.08 19.70
C LEU D 195 -22.59 -10.82 19.24
N LEU D 196 -23.08 -10.05 20.20
CA LEU D 196 -23.81 -8.83 19.88
C LEU D 196 -22.97 -7.71 19.24
N TYR D 197 -21.64 -7.81 19.31
CA TYR D 197 -20.78 -6.80 18.69
C TYR D 197 -20.18 -7.32 17.39
N GLY D 198 -20.70 -8.45 16.91
CA GLY D 198 -20.25 -9.03 15.66
C GLY D 198 -18.85 -9.61 15.72
N LEU D 199 -18.34 -9.86 16.91
CA LEU D 199 -17.00 -10.40 17.05
C LEU D 199 -16.97 -11.94 17.00
N GLY D 200 -18.13 -12.57 17.19
CA GLY D 200 -18.20 -14.02 17.19
C GLY D 200 -17.44 -14.68 16.05
N SER D 201 -17.53 -14.08 14.88
CA SER D 201 -16.87 -14.61 13.71
C SER D 201 -15.36 -14.45 13.73
N VAL D 202 -14.87 -13.40 14.37
CA VAL D 202 -13.43 -13.15 14.43
C VAL D 202 -12.71 -13.96 15.50
N PHE D 203 -13.41 -14.23 16.60
CA PHE D 203 -12.81 -14.99 17.68
C PHE D 203 -13.30 -16.42 17.82
N PRO D 204 -12.39 -17.39 17.71
CA PRO D 204 -12.88 -18.76 17.88
C PRO D 204 -13.18 -18.82 19.38
N ILE D 205 -14.27 -19.46 19.77
CA ILE D 205 -14.64 -19.52 21.19
C ILE D 205 -13.55 -20.01 22.15
N GLU D 206 -12.68 -20.91 21.70
CA GLU D 206 -11.62 -21.40 22.56
C GLU D 206 -10.45 -20.42 22.65
N ASN D 207 -10.68 -19.21 22.19
CA ASN D 207 -9.66 -18.17 22.23
C ASN D 207 -10.08 -17.01 23.11
N ILE D 208 -11.14 -17.22 23.89
CA ILE D 208 -11.66 -16.20 24.77
C ILE D 208 -11.37 -16.54 26.22
N TYR D 209 -10.69 -15.64 26.92
CA TYR D 209 -10.37 -15.87 28.32
C TYR D 209 -10.95 -14.80 29.21
N SER D 210 -11.64 -15.24 30.26
CA SER D 210 -12.23 -14.34 31.22
C SER D 210 -11.21 -14.22 32.34
N ALA D 211 -10.94 -13.01 32.78
CA ALA D 211 -9.94 -12.81 33.82
C ALA D 211 -10.51 -12.36 35.17
N THR D 212 -11.83 -12.38 35.32
CA THR D 212 -12.42 -11.98 36.59
C THR D 212 -11.87 -12.89 37.68
N LYS D 213 -11.59 -14.13 37.30
CA LYS D 213 -11.05 -15.11 38.23
C LYS D 213 -9.61 -14.78 38.59
N THR D 214 -8.68 -15.48 37.93
CA THR D 214 -7.25 -15.35 38.17
C THR D 214 -6.50 -14.07 37.78
N GLY D 215 -7.15 -13.13 37.13
CA GLY D 215 -6.43 -11.91 36.76
C GLY D 215 -5.75 -12.01 35.40
N LYS D 216 -5.42 -10.85 34.82
CA LYS D 216 -4.84 -10.83 33.50
C LYS D 216 -3.43 -11.40 33.37
N GLU D 217 -2.60 -11.21 34.38
CA GLU D 217 -1.24 -11.75 34.31
C GLU D 217 -1.31 -13.27 34.25
N SER D 218 -2.21 -13.85 35.04
CA SER D 218 -2.39 -15.29 35.08
C SER D 218 -2.89 -15.81 33.72
N CYS D 219 -3.82 -15.08 33.10
CA CYS D 219 -4.32 -15.50 31.80
C CYS D 219 -3.25 -15.41 30.74
N PHE D 220 -2.41 -14.39 30.84
CA PHE D 220 -1.31 -14.23 29.87
C PHE D 220 -0.36 -15.41 29.96
N GLU D 221 -0.05 -15.81 31.18
CA GLU D 221 0.84 -16.93 31.38
C GLU D 221 0.21 -18.20 30.82
N ARG D 222 -1.10 -18.32 30.97
CA ARG D 222 -1.78 -19.51 30.46
C ARG D 222 -1.72 -19.55 28.96
N ILE D 223 -1.89 -18.38 28.35
CA ILE D 223 -1.86 -18.28 26.90
C ILE D 223 -0.47 -18.59 26.37
N MET D 224 0.56 -18.20 27.11
CA MET D 224 1.92 -18.45 26.68
C MET D 224 2.25 -19.94 26.76
N GLN D 225 1.72 -20.61 27.77
CA GLN D 225 1.98 -22.05 27.88
C GLN D 225 1.21 -22.76 26.77
N ARG D 226 0.12 -22.15 26.32
CA ARG D 226 -0.69 -22.74 25.25
C ARG D 226 -0.09 -22.62 23.85
N PHE D 227 0.55 -21.50 23.52
CA PHE D 227 1.11 -21.35 22.17
C PHE D 227 2.60 -21.62 22.01
N GLY D 228 3.33 -21.75 23.11
CA GLY D 228 4.75 -22.02 22.99
C GLY D 228 5.63 -20.81 23.19
N ARG D 229 6.88 -21.06 23.58
CA ARG D 229 7.86 -20.02 23.83
C ARG D 229 8.50 -19.47 22.56
N LYS D 230 8.22 -20.09 21.42
CA LYS D 230 8.79 -19.63 20.16
C LYS D 230 7.95 -18.56 19.48
N ALA D 231 6.87 -18.15 20.12
CA ALA D 231 6.00 -17.13 19.54
C ALA D 231 6.09 -15.80 20.28
N VAL D 232 5.66 -14.73 19.62
CA VAL D 232 5.68 -13.40 20.20
C VAL D 232 4.26 -13.03 20.56
N TYR D 233 4.06 -12.56 21.79
CA TYR D 233 2.72 -12.19 22.23
C TYR D 233 2.58 -10.68 22.33
N VAL D 234 1.62 -10.13 21.57
CA VAL D 234 1.40 -8.69 21.58
C VAL D 234 0.13 -8.41 22.34
N VAL D 235 0.28 -7.75 23.48
CA VAL D 235 -0.87 -7.41 24.31
C VAL D 235 -1.35 -6.03 23.92
N ILE D 236 -2.64 -5.94 23.58
CA ILE D 236 -3.26 -4.71 23.17
C ILE D 236 -4.36 -4.35 24.17
N GLY D 237 -4.28 -3.15 24.76
CA GLY D 237 -5.30 -2.77 25.70
C GLY D 237 -5.30 -1.34 26.20
N ASP D 238 -6.40 -0.98 26.87
CA ASP D 238 -6.60 0.36 27.41
C ASP D 238 -6.42 0.45 28.92
N GLY D 239 -6.37 -0.69 29.60
CA GLY D 239 -6.22 -0.68 31.06
C GLY D 239 -4.82 -0.94 31.59
N VAL D 240 -4.61 -0.63 32.88
CA VAL D 240 -3.30 -0.83 33.52
C VAL D 240 -2.98 -2.30 33.87
N GLU D 241 -4.00 -3.09 34.17
CA GLU D 241 -3.78 -4.50 34.51
C GLU D 241 -3.17 -5.20 33.30
N GLU D 242 -3.76 -4.91 32.15
CA GLU D 242 -3.33 -5.46 30.87
C GLU D 242 -1.88 -5.06 30.60
N GLU D 243 -1.55 -3.82 30.94
CA GLU D 243 -0.21 -3.28 30.71
C GLU D 243 0.89 -3.84 31.64
N GLN D 244 0.64 -3.85 32.94
CA GLN D 244 1.63 -4.37 33.88
C GLN D 244 1.80 -5.88 33.68
N GLY D 245 0.70 -6.55 33.36
CA GLY D 245 0.75 -7.98 33.15
C GLY D 245 1.67 -8.34 32.00
N ALA D 246 1.59 -7.60 30.90
CA ALA D 246 2.44 -7.87 29.75
C ALA D 246 3.89 -7.52 30.05
N LYS D 247 4.11 -6.50 30.87
CA LYS D 247 5.46 -6.09 31.21
C LYS D 247 6.15 -7.09 32.13
N LYS D 248 5.38 -7.73 33.00
CA LYS D 248 5.94 -8.72 33.91
C LYS D 248 6.57 -9.87 33.10
N HIS D 249 5.94 -10.25 32.00
CA HIS D 249 6.46 -11.32 31.16
C HIS D 249 7.18 -10.79 29.93
N ASN D 250 7.52 -9.51 29.95
CA ASN D 250 8.22 -8.88 28.85
C ASN D 250 7.54 -9.08 27.49
N MET D 251 6.22 -8.95 27.46
CA MET D 251 5.47 -9.11 26.22
C MET D 251 5.25 -7.72 25.68
N PRO D 252 5.47 -7.52 24.38
CA PRO D 252 5.25 -6.18 23.83
C PRO D 252 3.82 -5.71 24.11
N PHE D 253 3.69 -4.46 24.49
CA PHE D 253 2.38 -3.89 24.81
C PHE D 253 2.04 -2.63 24.01
N TRP D 254 0.79 -2.54 23.59
CA TRP D 254 0.30 -1.39 22.84
C TRP D 254 -0.83 -0.78 23.64
N ARG D 255 -0.61 0.43 24.16
CA ARG D 255 -1.59 1.14 24.95
C ARG D 255 -2.58 1.89 24.07
N ILE D 256 -3.86 1.54 24.18
CA ILE D 256 -4.89 2.18 23.38
C ILE D 256 -5.79 3.02 24.28
N SER D 257 -5.38 4.26 24.46
CA SER D 257 -6.07 5.22 25.33
C SER D 257 -7.26 5.92 24.69
N CYS D 258 -7.26 6.02 23.37
CA CYS D 258 -8.36 6.70 22.71
C CYS D 258 -8.54 6.14 21.32
N HIS D 259 -9.51 6.66 20.60
CA HIS D 259 -9.79 6.20 19.24
C HIS D 259 -8.58 6.32 18.29
N ALA D 260 -7.91 7.46 18.33
CA ALA D 260 -6.75 7.66 17.47
C ALA D 260 -5.68 6.57 17.66
N ASP D 261 -5.46 6.12 18.90
CA ASP D 261 -4.47 5.07 19.15
C ASP D 261 -4.89 3.78 18.43
N LEU D 262 -6.18 3.50 18.43
CA LEU D 262 -6.70 2.33 17.77
C LEU D 262 -6.38 2.40 16.28
N GLU D 263 -6.64 3.55 15.66
CA GLU D 263 -6.38 3.69 14.23
C GLU D 263 -4.90 3.66 13.91
N ALA D 264 -4.08 4.20 14.81
CA ALA D 264 -2.63 4.17 14.61
C ALA D 264 -2.21 2.68 14.60
N LEU D 265 -2.76 1.91 15.55
CA LEU D 265 -2.47 0.49 15.63
C LEU D 265 -2.88 -0.22 14.34
N ARG D 266 -4.10 0.03 13.87
CA ARG D 266 -4.57 -0.61 12.65
C ARG D 266 -3.65 -0.29 11.46
N HIS D 267 -3.15 0.94 11.45
CA HIS D 267 -2.25 1.37 10.41
C HIS D 267 -0.95 0.58 10.51
N ALA D 268 -0.49 0.33 11.74
CA ALA D 268 0.74 -0.43 11.96
C ALA D 268 0.58 -1.85 11.42
N LEU D 269 -0.60 -2.41 11.63
CA LEU D 269 -0.91 -3.74 11.15
C LEU D 269 -0.97 -3.74 9.63
N GLU D 270 -1.46 -2.64 9.03
CA GLU D 270 -1.53 -2.54 7.57
C GLU D 270 -0.14 -2.57 6.94
N LEU D 271 0.81 -1.90 7.57
CA LEU D 271 2.17 -1.83 7.05
C LEU D 271 3.02 -3.02 7.48
N GLU D 272 2.43 -3.87 8.29
CA GLU D 272 3.10 -5.06 8.81
C GLU D 272 4.17 -4.67 9.81
N TYR D 273 4.12 -3.42 10.24
CA TYR D 273 5.05 -2.90 11.24
C TYR D 273 4.82 -3.75 12.48
N LEU D 274 3.57 -4.17 12.63
CA LEU D 274 3.16 -5.01 13.75
C LEU D 274 2.47 -6.22 13.13
#